data_9U9K
#
_entry.id   9U9K
#
_cell.length_a   1.00
_cell.length_b   1.00
_cell.length_c   1.00
_cell.angle_alpha   90.00
_cell.angle_beta   90.00
_cell.angle_gamma   90.00
#
_symmetry.space_group_name_H-M   'P 1'
#
loop_
_entity.id
_entity.type
_entity.pdbx_description
1 polymer 'mRNA m(6)A methyltransferase'
2 polymer 'Methyltransferase MT, putative'
3 polymer 'Myb-like DNA-binding domain protein'
4 polymer 'Transmembrane protein, putative'
5 polymer 'DNA (27-MER)'
6 polymer 'DNA (27-MER)'
7 non-polymer S-ADENOSYLMETHIONINE
#
loop_
_entity_poly.entity_id
_entity_poly.type
_entity_poly.pdbx_seq_one_letter_code
_entity_poly.pdbx_strand_id
1 'polypeptide(L)'
;GPEFKLMSKAVNKKGLRPRKSDSILDHIKNKLDQEFLEDNENGEQSDEDYDQKSLNKAKKPYKKRQTQNGSELVISQQKT
KAKASANNKKSAKNSQKLDEEEKIVEEEDLSPQKNGAVSEDDQQQEASTQEDDYLDRLPKSKKGLQGLLQDIEKRILHYK
QLFFKEQNEIANGKRSMVPDNSIPICSDVTKLNFQALIDAQMRHAGKMFDVIMMDPPWQLSSSQPSRGVAIAYDSLSDEK
IQNMPIQSLQQDGFIFVWAINAKYRVTIKMIENWGYKLVDEITWVKKTVNGKIAKGHGFYLQHAKESCLIGVKGDVDNGR
FKKNIASDVIFSERRGQSQKPEEIYQYINQLCPNGNYLEIFARRNNLHDNWVSIGNEL
;
A
2 'polypeptide(L)'
;GPGRPMSQETLAACQSLDKFAHPKKVSPVQKSQIIEEPPLQKKIKPTEPGEDQLSLLLKWRSSYIPPQKPTNEDEYKKII
CKDISSEKLEQHAGDVSALFINIKWKLSEGQSGKSIEDLKKLAISDKLINNGIIFIWSEKEILSQIVDVLEAKGFNYIEN
FMINQLSADKALEMQRKNQNQQSKEKKITDFFKRLTPQKNIWSDITPEQCIEQEKFPPNNYVQDIFVNSEYSFFRKSKKI
LLMLRKFNKDAQLELRHQRTSDIFFDIFEQNKPNDVSKKGMEFVYKMIETLLPKANYSEENKGAFKMMELYADDKSQPRK
GWISVYEQEWSHPQFEKGGGSGGGSGGGSWSHPQFEK
;
B
3 'polypeptide(L)'
;GPGRPSLKKGKFQHNQSKSLWNYTLSPGWREEEVKILKSALQLFGIGKWKKIMESGCLPGKSIGQIYMQTQRLLGQQSLG
DFMGLQIDLEAVFNQNMKKQDVLRKNNCIINTGDNPTKEERKRRIEQNRKIYGLSAKQIAEIKLPKVKKHAPQYMTLEDI
ENEKFTNLEILTHLYNLKAEIVRRLAEQGETIAQPSIIKSLNNLNHNLEQNQNSNSSTETKVTLEQSGKKKYKVLAIEET
ELQNGPIATNSQKKSINGKRKNNRKINSDSEGNEEDISLEDIDSQESEINSEEIVEDDEEDEQIEEPSKIKKRKKNPEQE
SEEDDIEEDQEEDELVVNEEEIFEDDDDDEDNQDSSEDDDDDED
;
C
4 'polypeptide(L)'
;GPEFMKKNGKSQNQPLDFTQYAKNMRKDLSNQDICLEDGALNHSYFLTKKGQYWTPLNQKALQRGIELFGVGNWKEINYD
EFSGKANIVELELRTCMILGINDITEYYGKKISEEEQEEIKKSNIAKGKKENKLKDNIYQKLQQMQ
;
D
5 'polydeoxyribonucleotide'
;(DA)(DG)(DT)(DT)(DA)(DA)(DA)(DG)(DT)(DT)(DA)(DA)(DG)(DA)(DT)(DG)(DT)(DT)(DA)(DA)
(DG)(DA)(DA)(DA)(DG)(DT)(DT)
;
E
6 'polydeoxyribonucleotide'
;(DA)(DA)(DC)(DT)(DT)(DT)(DC)(DT)(DT)(DA)(DA)(DC)(6MA)(DT)(DC)(DT)(DT)(DA)(DA)
(DC)(DT)(DT)(DT)(DA)(DA)(DC)(DT)
;
F
#
loop_
_chem_comp.id
_chem_comp.type
_chem_comp.name
_chem_comp.formula
6MA DNA linking N6-METHYL-DEOXY-ADENOSINE-5'-MONOPHOSPHATE 'C11 H16 N5 O6 P'
DA DNA linking 2'-DEOXYADENOSINE-5'-MONOPHOSPHATE 'C10 H14 N5 O6 P'
DC DNA linking 2'-DEOXYCYTIDINE-5'-MONOPHOSPHATE 'C9 H14 N3 O7 P'
DG DNA linking 2'-DEOXYGUANOSINE-5'-MONOPHOSPHATE 'C10 H14 N5 O7 P'
DT DNA linking THYMIDINE-5'-MONOPHOSPHATE 'C10 H15 N2 O8 P'
SAM non-polymer S-ADENOSYLMETHIONINE 'C15 H22 N6 O5 S'
#
# COMPACT_ATOMS: atom_id res chain seq x y z
N SER A 141 2.45 -50.98 -10.71
CA SER A 141 3.35 -50.01 -11.36
C SER A 141 4.61 -49.80 -10.54
N LYS A 142 5.33 -50.91 -10.28
CA LYS A 142 6.56 -50.82 -9.50
C LYS A 142 7.61 -49.98 -10.21
N LYS A 143 7.76 -50.18 -11.52
CA LYS A 143 8.73 -49.41 -12.29
C LYS A 143 8.39 -47.93 -12.32
N GLY A 144 7.10 -47.60 -12.27
CA GLY A 144 6.70 -46.21 -12.30
C GLY A 144 7.20 -45.42 -11.11
N LEU A 145 6.93 -45.91 -9.89
CA LEU A 145 7.43 -45.18 -8.73
C LEU A 145 8.91 -45.41 -8.49
N GLN A 146 9.49 -46.50 -9.03
CA GLN A 146 10.95 -46.62 -8.99
C GLN A 146 11.61 -45.52 -9.83
N GLY A 147 11.11 -45.30 -11.05
CA GLY A 147 11.61 -44.21 -11.86
C GLY A 147 11.32 -42.85 -11.25
N LEU A 148 10.18 -42.72 -10.58
CA LEU A 148 9.89 -41.52 -9.82
C LEU A 148 10.93 -41.30 -8.74
N LEU A 149 11.34 -42.37 -8.06
CA LEU A 149 12.34 -42.23 -6.99
C LEU A 149 13.71 -41.85 -7.56
N GLN A 150 14.08 -42.41 -8.73
CA GLN A 150 15.32 -41.98 -9.37
C GLN A 150 15.26 -40.51 -9.79
N ASP A 151 14.11 -40.06 -10.31
CA ASP A 151 13.96 -38.65 -10.63
C ASP A 151 14.04 -37.79 -9.38
N ILE A 152 13.53 -38.31 -8.25
CA ILE A 152 13.62 -37.62 -6.97
C ILE A 152 15.09 -37.48 -6.56
N GLU A 153 15.86 -38.56 -6.71
CA GLU A 153 17.27 -38.52 -6.35
C GLU A 153 18.02 -37.50 -7.21
N LYS A 154 17.73 -37.48 -8.51
CA LYS A 154 18.39 -36.50 -9.39
C LYS A 154 18.02 -35.07 -9.02
N ARG A 155 16.74 -34.82 -8.76
CA ARG A 155 16.31 -33.47 -8.39
C ARG A 155 16.88 -33.03 -7.05
N ILE A 156 16.98 -33.96 -6.09
CA ILE A 156 17.56 -33.60 -4.79
C ILE A 156 19.05 -33.37 -4.90
N LEU A 157 19.74 -34.10 -5.78
CA LEU A 157 21.14 -33.77 -6.04
C LEU A 157 21.27 -32.37 -6.65
N HIS A 158 20.37 -32.03 -7.58
CA HIS A 158 20.38 -30.71 -8.19
C HIS A 158 20.15 -29.62 -7.14
N TYR A 159 19.16 -29.82 -6.27
CA TYR A 159 18.83 -28.81 -5.28
C TYR A 159 19.86 -28.75 -4.15
N LYS A 160 20.45 -29.88 -3.78
CA LYS A 160 21.55 -29.86 -2.81
C LYS A 160 22.71 -29.06 -3.34
N GLN A 161 23.04 -29.24 -4.63
CA GLN A 161 24.10 -28.42 -5.22
C GLN A 161 23.71 -26.96 -5.28
N LEU A 162 22.43 -26.67 -5.57
CA LEU A 162 21.98 -25.28 -5.62
C LEU A 162 22.12 -24.60 -4.26
N PHE A 163 21.67 -25.28 -3.20
CA PHE A 163 21.76 -24.67 -1.87
C PHE A 163 23.19 -24.66 -1.35
N PHE A 164 24.01 -25.63 -1.75
CA PHE A 164 25.42 -25.59 -1.38
C PHE A 164 26.10 -24.40 -2.01
N LYS A 165 25.79 -24.11 -3.28
CA LYS A 165 26.32 -22.90 -3.91
C LYS A 165 25.82 -21.64 -3.20
N GLU A 166 24.54 -21.63 -2.82
CA GLU A 166 23.99 -20.47 -2.12
C GLU A 166 24.67 -20.25 -0.77
N GLN A 167 24.90 -21.32 -0.01
CA GLN A 167 25.59 -21.20 1.28
C GLN A 167 27.05 -20.79 1.09
N ASN A 168 27.69 -21.30 0.04
CA ASN A 168 29.08 -20.93 -0.22
C ASN A 168 29.21 -19.46 -0.57
N GLU A 169 28.28 -18.92 -1.37
CA GLU A 169 28.35 -17.50 -1.65
C GLU A 169 27.82 -16.64 -0.51
N ILE A 170 27.03 -17.22 0.40
CA ILE A 170 26.69 -16.51 1.64
C ILE A 170 27.94 -16.34 2.50
N ALA A 171 28.68 -17.43 2.71
CA ALA A 171 29.91 -17.37 3.50
C ALA A 171 30.99 -16.56 2.79
N ASN A 172 30.94 -16.49 1.46
CA ASN A 172 31.91 -15.71 0.71
C ASN A 172 31.73 -14.21 0.93
N GLY A 173 30.52 -13.77 1.28
CA GLY A 173 30.29 -12.36 1.50
C GLY A 173 29.30 -11.72 0.55
N LYS A 174 28.29 -12.47 0.11
CA LYS A 174 27.26 -11.89 -0.75
C LYS A 174 26.43 -10.87 0.02
N ARG A 175 26.10 -9.77 -0.65
CA ARG A 175 25.30 -8.71 -0.06
C ARG A 175 23.88 -8.77 -0.59
N SER A 176 22.93 -8.38 0.26
CA SER A 176 21.52 -8.43 -0.09
C SER A 176 21.08 -7.08 -0.65
N MET A 177 19.77 -6.94 -0.88
CA MET A 177 19.21 -5.70 -1.39
C MET A 177 19.03 -4.65 -0.30
N VAL A 178 19.22 -5.00 0.96
CA VAL A 178 19.02 -4.10 2.09
C VAL A 178 20.18 -3.13 2.17
N PRO A 179 19.93 -1.82 2.11
CA PRO A 179 21.03 -0.85 2.15
C PRO A 179 21.74 -0.88 3.49
N ASP A 180 23.05 -0.56 3.45
CA ASP A 180 23.91 -0.72 4.61
C ASP A 180 23.60 0.25 5.74
N ASN A 181 22.82 1.29 5.49
CA ASN A 181 22.52 2.28 6.51
C ASN A 181 21.16 2.08 7.16
N SER A 182 20.45 1.01 6.81
CA SER A 182 19.13 0.78 7.37
C SER A 182 19.22 0.37 8.84
N ILE A 183 18.24 0.80 9.63
CA ILE A 183 18.17 0.42 11.03
C ILE A 183 16.88 -0.37 11.25
N PRO A 184 16.93 -1.70 11.21
CA PRO A 184 15.73 -2.51 11.47
C PRO A 184 15.60 -2.94 12.91
N ILE A 185 14.37 -2.92 13.41
CA ILE A 185 14.02 -3.48 14.71
C ILE A 185 12.84 -4.43 14.50
N CYS A 186 12.93 -5.62 15.08
CA CYS A 186 11.91 -6.65 14.92
C CYS A 186 11.34 -6.99 16.28
N SER A 187 10.23 -6.35 16.64
CA SER A 187 9.50 -6.68 17.85
C SER A 187 8.07 -6.15 17.71
N ASP A 188 7.18 -6.71 18.53
CA ASP A 188 5.81 -6.24 18.55
C ASP A 188 5.73 -4.86 19.17
N VAL A 189 5.03 -3.94 18.48
CA VAL A 189 4.97 -2.56 18.92
C VAL A 189 4.14 -2.41 20.18
N THR A 190 3.23 -3.35 20.44
CA THR A 190 2.55 -3.38 21.73
C THR A 190 3.54 -3.62 22.87
N LYS A 191 4.51 -4.50 22.67
CA LYS A 191 5.49 -4.82 23.69
C LYS A 191 6.80 -4.04 23.56
N LEU A 192 6.89 -3.13 22.59
CA LEU A 192 8.12 -2.38 22.40
C LEU A 192 8.35 -1.38 23.52
N ASN A 193 9.62 -1.15 23.83
CA ASN A 193 10.04 -0.16 24.82
C ASN A 193 10.49 1.08 24.07
N PHE A 194 9.59 2.05 23.90
CA PHE A 194 9.91 3.25 23.16
C PHE A 194 10.83 4.19 23.92
N GLN A 195 11.05 3.94 25.22
CA GLN A 195 12.00 4.75 25.98
C GLN A 195 13.43 4.58 25.45
N ALA A 196 13.82 3.34 25.15
CA ALA A 196 15.16 3.09 24.62
C ALA A 196 15.35 3.77 23.28
N LEU A 197 14.35 3.69 22.40
CA LEU A 197 14.43 4.37 21.11
C LEU A 197 14.52 5.88 21.27
N ILE A 198 13.75 6.44 22.20
CA ILE A 198 13.81 7.87 22.46
C ILE A 198 15.21 8.28 22.93
N ASP A 199 15.76 7.53 23.89
CA ASP A 199 17.08 7.87 24.42
C ASP A 199 18.15 7.77 23.35
N ALA A 200 18.14 6.69 22.56
CA ALA A 200 19.17 6.50 21.56
C ALA A 200 19.09 7.56 20.46
N GLN A 201 17.87 7.83 19.98
CA GLN A 201 17.72 8.84 18.93
C GLN A 201 18.11 10.22 19.43
N MET A 202 17.80 10.53 20.69
CA MET A 202 18.23 11.81 21.25
C MET A 202 19.75 11.87 21.37
N ARG A 203 20.38 10.81 21.87
CA ARG A 203 21.80 10.87 22.19
C ARG A 203 22.70 10.75 20.96
N HIS A 204 22.20 10.23 19.85
CA HIS A 204 23.08 10.03 18.70
C HIS A 204 23.05 11.20 17.72
N ALA A 205 21.89 11.51 17.17
CA ALA A 205 21.79 12.54 16.13
C ALA A 205 21.64 13.95 16.68
N GLY A 206 21.39 14.12 17.97
CA GLY A 206 21.12 15.43 18.51
C GLY A 206 19.77 16.00 18.10
N LYS A 207 18.85 15.15 17.65
CA LYS A 207 17.55 15.58 17.15
C LYS A 207 16.61 14.39 17.25
N MET A 208 15.32 14.66 17.13
CA MET A 208 14.34 13.58 17.11
C MET A 208 13.98 13.22 15.68
N PHE A 209 13.01 12.32 15.54
CA PHE A 209 12.52 11.96 14.21
C PHE A 209 11.83 13.16 13.57
N ASP A 210 12.01 13.32 12.26
CA ASP A 210 11.33 14.38 11.55
C ASP A 210 10.28 13.88 10.57
N VAL A 211 10.18 12.57 10.37
CA VAL A 211 9.10 11.95 9.61
C VAL A 211 8.79 10.61 10.26
N ILE A 212 7.51 10.32 10.44
CA ILE A 212 7.04 9.02 10.89
C ILE A 212 6.11 8.46 9.82
N MET A 213 6.37 7.25 9.36
CA MET A 213 5.47 6.53 8.48
C MET A 213 4.74 5.45 9.26
N MET A 214 3.51 5.17 8.78
CA MET A 214 2.66 4.19 9.50
C MET A 214 1.74 3.46 8.51
N ASP A 215 1.74 2.13 8.56
CA ASP A 215 0.90 1.29 7.72
C ASP A 215 0.16 0.33 8.64
N PRO A 216 -0.84 0.82 9.39
CA PRO A 216 -1.36 0.03 10.50
C PRO A 216 -2.06 -1.21 10.02
N PRO A 217 -2.03 -2.28 10.80
CA PRO A 217 -2.76 -3.52 10.46
C PRO A 217 -4.23 -3.46 10.86
N TRP A 218 -5.03 -2.84 10.00
CA TRP A 218 -6.45 -2.68 10.25
C TRP A 218 -7.16 -4.02 10.22
N GLN A 219 -8.38 -4.04 10.77
CA GLN A 219 -9.17 -5.27 10.90
C GLN A 219 -9.99 -5.48 9.63
N LEU A 220 -9.56 -6.43 8.81
CA LEU A 220 -10.24 -6.83 7.59
C LEU A 220 -10.39 -8.36 7.55
N SER A 221 -10.73 -8.89 6.38
CA SER A 221 -10.86 -10.33 6.21
C SER A 221 -9.52 -11.01 6.46
N SER A 222 -9.53 -12.08 7.26
CA SER A 222 -8.29 -12.60 7.84
C SER A 222 -7.49 -13.41 6.83
N SER A 223 -8.01 -14.58 6.45
CA SER A 223 -7.27 -15.46 5.55
C SER A 223 -8.10 -16.04 4.42
N GLN A 224 -9.42 -16.15 4.56
CA GLN A 224 -10.28 -16.68 3.51
C GLN A 224 -11.43 -15.70 3.33
N PRO A 225 -11.20 -14.59 2.64
CA PRO A 225 -12.27 -13.61 2.44
C PRO A 225 -13.46 -14.13 1.65
N SER A 226 -13.23 -15.08 0.73
CA SER A 226 -14.26 -15.80 -0.02
C SER A 226 -14.95 -14.93 -1.07
N ARG A 227 -14.71 -13.63 -1.06
CA ARG A 227 -15.11 -12.82 -2.22
C ARG A 227 -14.01 -11.91 -2.69
N GLY A 228 -13.19 -11.37 -1.79
CA GLY A 228 -12.22 -10.38 -2.21
C GLY A 228 -10.79 -10.60 -1.75
N VAL A 229 -10.17 -9.52 -1.27
CA VAL A 229 -8.74 -9.52 -0.94
C VAL A 229 -8.51 -10.29 0.34
N ALA A 230 -7.50 -11.15 0.33
CA ALA A 230 -6.95 -11.67 1.57
C ALA A 230 -5.96 -10.68 2.15
N ILE A 231 -5.91 -10.62 3.48
CA ILE A 231 -5.00 -9.74 4.21
C ILE A 231 -4.15 -10.65 5.08
N ALA A 232 -2.99 -11.05 4.58
CA ALA A 232 -2.24 -12.17 5.15
C ALA A 232 -1.32 -11.75 6.30
N TYR A 233 -1.88 -11.06 7.29
CA TYR A 233 -1.15 -10.74 8.52
C TYR A 233 -2.15 -10.41 9.60
N ASP A 234 -1.66 -10.33 10.83
CA ASP A 234 -2.50 -10.04 11.98
C ASP A 234 -3.06 -8.63 11.89
N SER A 235 -4.22 -8.43 12.52
CA SER A 235 -4.91 -7.15 12.53
C SER A 235 -4.87 -6.56 13.93
N LEU A 236 -4.75 -5.23 14.00
CA LEU A 236 -4.70 -4.51 15.27
C LEU A 236 -5.93 -3.65 15.43
N SER A 237 -6.48 -3.64 16.63
CA SER A 237 -7.63 -2.80 16.92
C SER A 237 -7.24 -1.33 16.90
N ASP A 238 -8.26 -0.47 16.89
CA ASP A 238 -7.99 0.97 16.96
C ASP A 238 -7.48 1.37 18.33
N GLU A 239 -7.95 0.72 19.39
CA GLU A 239 -7.43 1.02 20.72
C GLU A 239 -5.95 0.68 20.83
N LYS A 240 -5.54 -0.47 20.27
CA LYS A 240 -4.14 -0.87 20.35
C LYS A 240 -3.24 0.06 19.56
N ILE A 241 -3.69 0.50 18.38
CA ILE A 241 -2.90 1.43 17.58
C ILE A 241 -2.84 2.79 18.27
N GLN A 242 -3.95 3.20 18.90
CA GLN A 242 -3.98 4.49 19.59
C GLN A 242 -3.10 4.50 20.83
N ASN A 243 -2.94 3.35 21.48
CA ASN A 243 -2.26 3.30 22.78
C ASN A 243 -0.81 3.73 22.67
N MET A 244 -0.12 3.33 21.60
CA MET A 244 1.33 3.47 21.52
C MET A 244 1.74 4.95 21.43
N PRO A 245 2.85 5.34 22.06
CA PRO A 245 3.18 6.77 22.18
C PRO A 245 3.85 7.28 20.93
N ILE A 246 3.23 8.26 20.29
CA ILE A 246 3.78 8.85 19.07
C ILE A 246 4.10 10.32 19.32
N GLN A 247 3.28 10.97 20.16
CA GLN A 247 3.52 12.37 20.50
C GLN A 247 4.85 12.58 21.23
N SER A 248 5.36 11.54 21.91
CA SER A 248 6.68 11.64 22.53
C SER A 248 7.81 11.51 21.52
N LEU A 249 7.60 10.75 20.44
CA LEU A 249 8.63 10.50 19.45
C LEU A 249 8.87 11.68 18.52
N GLN A 250 8.12 12.75 18.64
CA GLN A 250 8.26 13.88 17.73
C GLN A 250 8.03 15.19 18.47
N GLN A 251 8.70 16.23 18.01
CA GLN A 251 8.42 17.60 18.41
C GLN A 251 8.11 18.49 17.21
N ASP A 252 8.83 18.32 16.10
CA ASP A 252 8.60 19.06 14.88
C ASP A 252 8.73 18.08 13.72
N GLY A 253 7.68 17.94 12.92
CA GLY A 253 7.78 17.10 11.76
C GLY A 253 6.42 16.58 11.32
N PHE A 254 6.48 15.60 10.42
CA PHE A 254 5.33 15.08 9.70
C PHE A 254 5.00 13.66 10.15
N ILE A 255 3.77 13.25 9.85
CA ILE A 255 3.36 11.87 10.01
C ILE A 255 2.71 11.41 8.69
N PHE A 256 2.76 10.10 8.48
CA PHE A 256 2.21 9.47 7.28
C PHE A 256 1.46 8.22 7.73
N VAL A 257 0.14 8.28 7.77
CA VAL A 257 -0.67 7.12 8.17
C VAL A 257 -1.52 6.69 6.99
N TRP A 258 -1.34 5.45 6.56
CA TRP A 258 -2.10 4.92 5.43
C TRP A 258 -3.42 4.34 5.95
N ALA A 259 -4.51 4.92 5.51
CA ALA A 259 -5.85 4.51 5.93
C ALA A 259 -6.52 3.75 4.79
N ILE A 260 -7.42 2.85 5.18
CA ILE A 260 -8.26 2.16 4.20
C ILE A 260 -9.65 2.76 4.30
N ASN A 261 -10.55 2.34 3.40
CA ASN A 261 -11.85 2.98 3.28
C ASN A 261 -12.65 2.87 4.58
N ALA A 262 -12.58 1.72 5.24
CA ALA A 262 -13.31 1.54 6.48
C ALA A 262 -12.70 2.34 7.65
N LYS A 263 -11.42 2.70 7.56
CA LYS A 263 -10.74 3.34 8.67
C LYS A 263 -10.18 4.70 8.29
N TYR A 264 -10.97 5.50 7.58
CA TYR A 264 -10.56 6.85 7.19
C TYR A 264 -10.83 7.85 8.32
N ARG A 265 -12.06 7.85 8.85
CA ARG A 265 -12.39 8.67 10.00
C ARG A 265 -11.58 8.30 11.21
N VAL A 266 -11.35 7.00 11.42
CA VAL A 266 -10.57 6.54 12.58
C VAL A 266 -9.16 7.11 12.51
N THR A 267 -8.53 7.04 11.33
CA THR A 267 -7.20 7.62 11.16
C THR A 267 -7.21 9.12 11.37
N ILE A 268 -8.26 9.81 10.88
CA ILE A 268 -8.35 11.26 11.10
C ILE A 268 -8.41 11.57 12.59
N LYS A 269 -9.20 10.79 13.34
CA LYS A 269 -9.30 11.00 14.78
C LYS A 269 -7.98 10.72 15.49
N MET A 270 -7.29 9.64 15.10
CA MET A 270 -6.00 9.32 15.70
C MET A 270 -5.01 10.45 15.52
N ILE A 271 -4.81 10.89 14.28
CA ILE A 271 -3.81 11.92 14.04
C ILE A 271 -4.30 13.31 14.40
N GLU A 272 -5.57 13.47 14.76
CA GLU A 272 -6.03 14.72 15.33
C GLU A 272 -5.83 14.77 16.84
N ASN A 273 -5.95 13.64 17.52
CA ASN A 273 -5.77 13.63 18.96
C ASN A 273 -4.32 13.42 19.39
N TRP A 274 -3.43 13.02 18.48
CA TRP A 274 -2.02 12.85 18.79
C TRP A 274 -1.27 14.15 18.89
N GLY A 275 -1.91 15.28 18.57
CA GLY A 275 -1.27 16.57 18.50
C GLY A 275 -1.05 17.06 17.09
N TYR A 276 -1.19 16.20 16.09
CA TYR A 276 -0.99 16.64 14.72
C TYR A 276 -2.23 17.35 14.20
N LYS A 277 -2.02 18.14 13.15
CA LYS A 277 -3.09 18.84 12.47
C LYS A 277 -3.14 18.37 11.02
N LEU A 278 -4.32 17.91 10.59
CA LEU A 278 -4.49 17.39 9.24
C LEU A 278 -4.13 18.45 8.20
N VAL A 279 -3.19 18.10 7.33
CA VAL A 279 -2.63 19.03 6.36
C VAL A 279 -2.75 18.50 4.94
N ASP A 280 -2.42 17.23 4.72
CA ASP A 280 -2.37 16.74 3.35
C ASP A 280 -2.81 15.28 3.26
N GLU A 281 -3.00 14.86 2.01
CA GLU A 281 -3.41 13.50 1.66
C GLU A 281 -2.62 13.06 0.43
N ILE A 282 -2.10 11.85 0.46
CA ILE A 282 -1.43 11.22 -0.67
C ILE A 282 -2.21 9.98 -1.07
N THR A 283 -2.61 9.90 -2.34
CA THR A 283 -3.41 8.79 -2.83
C THR A 283 -2.60 8.00 -3.85
N TRP A 284 -2.59 6.68 -3.68
CA TRP A 284 -1.93 5.75 -4.59
C TRP A 284 -2.97 5.16 -5.53
N VAL A 285 -2.93 5.56 -6.79
CA VAL A 285 -3.71 4.93 -7.84
C VAL A 285 -2.96 3.71 -8.34
N LYS A 286 -3.67 2.59 -8.45
CA LYS A 286 -3.05 1.32 -8.83
C LYS A 286 -3.28 1.06 -10.31
N LYS A 287 -2.20 1.11 -11.08
CA LYS A 287 -2.21 0.65 -12.46
C LYS A 287 -1.91 -0.85 -12.52
N THR A 288 -2.03 -1.40 -13.70
CA THR A 288 -1.86 -2.83 -13.93
C THR A 288 -0.72 -3.04 -14.94
N VAL A 289 -0.45 -4.32 -15.24
CA VAL A 289 0.78 -4.69 -15.94
C VAL A 289 0.90 -4.13 -17.35
N ASN A 290 -0.20 -3.66 -17.95
CA ASN A 290 -0.15 -3.01 -19.25
C ASN A 290 -0.54 -1.53 -19.19
N GLY A 291 -0.70 -0.97 -18.00
CA GLY A 291 -0.77 0.48 -17.86
C GLY A 291 -2.14 1.11 -17.89
N LYS A 292 -3.12 0.48 -17.25
CA LYS A 292 -4.44 1.06 -17.11
C LYS A 292 -4.90 0.84 -15.67
N ILE A 293 -5.95 1.57 -15.27
CA ILE A 293 -6.40 1.56 -13.88
C ILE A 293 -6.81 0.16 -13.48
N ALA A 294 -6.27 -0.31 -12.36
CA ALA A 294 -6.55 -1.64 -11.85
C ALA A 294 -7.68 -1.55 -10.84
N LYS A 295 -8.89 -1.93 -11.26
CA LYS A 295 -10.08 -1.79 -10.43
C LYS A 295 -10.22 -2.99 -9.50
N GLY A 296 -10.51 -2.73 -8.23
CA GLY A 296 -10.75 -3.77 -7.26
C GLY A 296 -12.10 -3.61 -6.62
N HIS A 297 -12.63 -4.71 -6.10
CA HIS A 297 -14.01 -4.75 -5.62
C HIS A 297 -14.23 -3.82 -4.44
N GLY A 298 -15.45 -3.30 -4.34
CA GLY A 298 -15.85 -2.49 -3.22
C GLY A 298 -17.25 -2.79 -2.74
N PHE A 299 -17.89 -1.82 -2.09
CA PHE A 299 -19.30 -1.92 -1.73
C PHE A 299 -20.14 -0.89 -2.48
N TYR A 300 -19.83 0.40 -2.33
CA TYR A 300 -20.56 1.43 -3.07
C TYR A 300 -19.94 1.64 -4.44
N LEU A 301 -18.62 1.64 -4.51
CA LEU A 301 -17.89 1.82 -5.76
C LEU A 301 -16.78 0.78 -5.84
N GLN A 302 -16.33 0.53 -7.07
CA GLN A 302 -15.13 -0.26 -7.28
C GLN A 302 -13.91 0.50 -6.79
N HIS A 303 -13.05 -0.18 -6.04
CA HIS A 303 -11.95 0.47 -5.35
C HIS A 303 -10.66 0.30 -6.15
N ALA A 304 -10.07 1.42 -6.57
CA ALA A 304 -8.81 1.38 -7.30
C ALA A 304 -7.84 2.44 -6.78
N LYS A 305 -7.89 2.72 -5.48
CA LYS A 305 -7.07 3.74 -4.85
C LYS A 305 -6.64 3.27 -3.48
N GLU A 306 -5.68 4.01 -2.91
CA GLU A 306 -5.25 3.82 -1.54
C GLU A 306 -4.97 5.18 -0.94
N SER A 307 -5.24 5.34 0.35
CA SER A 307 -5.24 6.64 1.00
C SER A 307 -4.17 6.73 2.07
N CYS A 308 -3.51 7.89 2.15
CA CYS A 308 -2.51 8.19 3.16
C CYS A 308 -2.74 9.62 3.65
N LEU A 309 -2.72 9.81 4.96
CA LEU A 309 -3.01 11.10 5.57
C LEU A 309 -1.77 11.62 6.29
N ILE A 310 -1.54 12.94 6.16
CA ILE A 310 -0.31 13.59 6.56
C ILE A 310 -0.63 14.75 7.48
N GLY A 311 -0.22 14.64 8.74
CA GLY A 311 -0.37 15.69 9.72
C GLY A 311 0.97 16.15 10.29
N VAL A 312 1.18 17.46 10.32
CA VAL A 312 2.38 18.04 10.90
C VAL A 312 2.23 18.14 12.40
N LYS A 313 3.34 18.32 13.10
CA LYS A 313 3.34 18.36 14.56
C LYS A 313 3.71 19.74 15.10
N GLY A 314 4.86 20.27 14.72
CA GLY A 314 5.30 21.54 15.27
C GLY A 314 5.89 22.49 14.26
N ASP A 315 7.03 23.09 14.59
CA ASP A 315 7.65 24.07 13.70
C ASP A 315 8.14 23.40 12.43
N VAL A 316 7.84 24.00 11.28
CA VAL A 316 8.23 23.46 9.99
C VAL A 316 9.18 24.45 9.31
N ASP A 317 9.04 25.72 9.64
CA ASP A 317 9.80 26.79 8.98
C ASP A 317 11.22 26.79 9.52
N ASN A 318 12.07 25.97 8.91
CA ASN A 318 13.50 25.94 9.23
C ASN A 318 14.25 25.58 7.96
N GLY A 319 15.51 25.18 8.11
CA GLY A 319 16.28 24.74 6.95
C GLY A 319 15.73 23.49 6.31
N ARG A 320 15.20 22.57 7.13
CA ARG A 320 14.63 21.34 6.63
C ARG A 320 13.24 21.60 6.04
N PHE A 321 12.60 20.53 5.58
CA PHE A 321 11.20 20.53 5.16
C PHE A 321 10.95 21.53 4.02
N LYS A 322 11.52 21.20 2.87
CA LYS A 322 11.30 21.98 1.67
C LYS A 322 9.83 21.94 1.26
N LYS A 323 9.35 23.06 0.72
CA LYS A 323 7.94 23.23 0.40
C LYS A 323 7.71 23.13 -1.10
N ASN A 324 6.45 22.83 -1.46
CA ASN A 324 5.98 22.77 -2.85
C ASN A 324 6.72 21.69 -3.64
N ILE A 325 6.59 20.45 -3.17
CA ILE A 325 7.36 19.33 -3.71
C ILE A 325 6.42 18.17 -4.02
N ALA A 326 6.86 17.32 -4.96
CA ALA A 326 6.22 16.06 -5.31
C ALA A 326 4.78 16.22 -5.78
N SER A 327 3.97 15.16 -5.64
CA SER A 327 2.56 15.20 -5.99
C SER A 327 1.82 14.30 -5.02
N ASP A 328 0.53 14.59 -4.82
CA ASP A 328 -0.26 13.78 -3.91
C ASP A 328 -0.75 12.48 -4.53
N VAL A 329 -0.59 12.30 -5.84
CA VAL A 329 -1.08 11.13 -6.54
C VAL A 329 0.12 10.32 -7.02
N ILE A 330 0.17 9.06 -6.61
CA ILE A 330 1.20 8.11 -7.02
C ILE A 330 0.52 7.07 -7.90
N PHE A 331 0.76 7.15 -9.21
CA PHE A 331 0.21 6.19 -10.16
C PHE A 331 1.23 5.08 -10.39
N SER A 332 0.98 3.90 -9.82
CA SER A 332 2.00 2.85 -9.86
C SER A 332 1.34 1.48 -9.75
N GLU A 333 2.14 0.45 -9.99
CA GLU A 333 1.63 -0.89 -10.21
C GLU A 333 1.35 -1.59 -8.88
N ARG A 334 0.77 -2.78 -8.98
CA ARG A 334 0.37 -3.57 -7.82
C ARG A 334 1.41 -4.66 -7.59
N ARG A 335 2.53 -4.27 -6.98
CA ARG A 335 3.69 -5.15 -6.91
C ARG A 335 3.70 -6.05 -5.68
N GLY A 336 2.53 -6.35 -5.11
CA GLY A 336 2.49 -7.27 -4.00
C GLY A 336 1.27 -7.06 -3.15
N GLN A 337 1.18 -7.86 -2.09
CA GLN A 337 0.04 -7.82 -1.19
C GLN A 337 0.20 -6.65 -0.24
N SER A 338 -0.66 -5.63 -0.41
CA SER A 338 -0.66 -4.42 0.42
C SER A 338 0.70 -3.74 0.41
N GLN A 339 1.43 -3.86 -0.68
CA GLN A 339 2.78 -3.32 -0.80
C GLN A 339 2.66 -1.94 -1.44
N LYS A 340 2.81 -0.90 -0.61
CA LYS A 340 2.77 0.46 -1.10
C LYS A 340 3.94 0.70 -2.05
N PRO A 341 3.80 1.63 -2.99
CA PRO A 341 4.87 1.83 -3.98
C PRO A 341 6.13 2.41 -3.34
N GLU A 342 7.25 2.23 -4.04
CA GLU A 342 8.50 2.81 -3.58
C GLU A 342 8.55 4.32 -3.78
N GLU A 343 7.58 4.90 -4.49
CA GLU A 343 7.60 6.33 -4.73
C GLU A 343 7.24 7.14 -3.49
N ILE A 344 6.61 6.52 -2.50
CA ILE A 344 6.31 7.25 -1.27
C ILE A 344 7.61 7.58 -0.52
N TYR A 345 8.59 6.67 -0.56
CA TYR A 345 9.89 6.96 0.05
C TYR A 345 10.64 8.02 -0.72
N GLN A 346 10.53 8.02 -2.05
CA GLN A 346 11.12 9.08 -2.85
C GLN A 346 10.50 10.43 -2.52
N TYR A 347 9.18 10.47 -2.34
CA TYR A 347 8.52 11.72 -1.99
C TYR A 347 8.88 12.18 -0.58
N ILE A 348 9.04 11.23 0.35
CA ILE A 348 9.48 11.56 1.70
C ILE A 348 10.87 12.17 1.69
N ASN A 349 11.78 11.54 0.94
CA ASN A 349 13.14 12.07 0.84
C ASN A 349 13.18 13.40 0.10
N GLN A 350 12.20 13.66 -0.77
CA GLN A 350 12.06 14.98 -1.34
C GLN A 350 11.55 15.99 -0.32
N LEU A 351 10.71 15.54 0.62
CA LEU A 351 10.14 16.44 1.62
C LEU A 351 11.21 16.97 2.57
N CYS A 352 12.12 16.11 3.03
CA CYS A 352 13.21 16.51 3.91
C CYS A 352 14.45 15.66 3.61
N PRO A 353 15.44 16.21 2.93
CA PRO A 353 16.65 15.43 2.64
C PRO A 353 17.45 15.11 3.90
N ASN A 354 18.10 13.95 3.86
CA ASN A 354 18.98 13.41 4.92
C ASN A 354 18.47 13.69 6.32
N GLY A 355 17.26 13.21 6.60
CA GLY A 355 16.61 13.40 7.87
C GLY A 355 16.58 12.14 8.71
N ASN A 356 15.84 12.22 9.82
CA ASN A 356 15.71 11.15 10.79
C ASN A 356 14.31 10.57 10.67
N TYR A 357 14.20 9.36 10.12
CA TYR A 357 12.92 8.78 9.77
C TYR A 357 12.62 7.57 10.64
N LEU A 358 11.34 7.42 10.97
CA LEU A 358 10.82 6.26 11.70
C LEU A 358 9.70 5.64 10.87
N GLU A 359 9.56 4.33 10.98
CA GLU A 359 8.51 3.65 10.22
C GLU A 359 8.06 2.41 10.98
N ILE A 360 6.83 2.45 11.45
CA ILE A 360 6.23 1.35 12.21
C ILE A 360 5.47 0.47 11.22
N PHE A 361 5.27 -0.80 11.59
CA PHE A 361 4.59 -1.80 10.75
C PHE A 361 5.33 -2.02 9.43
N ALA A 362 6.54 -2.57 9.51
CA ALA A 362 7.43 -2.67 8.36
C ALA A 362 7.58 -4.11 7.92
N ARG A 363 7.98 -4.27 6.66
CA ARG A 363 8.39 -5.54 6.09
C ARG A 363 9.72 -5.32 5.36
N ARG A 364 10.34 -6.42 4.91
CA ARG A 364 11.65 -6.33 4.29
C ARG A 364 11.62 -5.65 2.94
N ASN A 365 10.45 -5.35 2.40
CA ASN A 365 10.35 -4.83 1.04
C ASN A 365 11.04 -3.49 0.90
N ASN A 366 10.88 -2.60 1.88
CA ASN A 366 11.43 -1.25 1.79
C ASN A 366 12.81 -1.13 2.43
N LEU A 367 12.86 -1.28 3.76
CA LEU A 367 14.09 -1.24 4.58
C LEU A 367 15.10 -0.22 4.08
N HIS A 368 14.64 1.00 3.87
CA HIS A 368 15.37 1.98 3.07
C HIS A 368 16.57 2.54 3.82
N ASP A 369 17.26 3.45 3.15
CA ASP A 369 18.49 4.05 3.66
C ASP A 369 18.17 5.11 4.71
N ASN A 370 18.93 5.09 5.81
CA ASN A 370 18.78 6.02 6.93
C ASN A 370 17.39 5.94 7.56
N TRP A 371 16.74 4.80 7.48
CA TRP A 371 15.39 4.61 7.98
C TRP A 371 15.41 3.66 9.18
N VAL A 372 14.82 4.09 10.28
CA VAL A 372 14.57 3.23 11.42
C VAL A 372 13.19 2.61 11.23
N SER A 373 13.13 1.29 11.21
CA SER A 373 11.93 0.58 10.79
C SER A 373 11.59 -0.51 11.78
N ILE A 374 10.40 -0.44 12.38
CA ILE A 374 9.94 -1.44 13.33
C ILE A 374 8.95 -2.36 12.63
N GLY A 375 9.16 -3.67 12.78
CA GLY A 375 8.29 -4.63 12.14
C GLY A 375 8.11 -5.87 12.97
N ASN A 376 7.15 -6.69 12.56
CA ASN A 376 6.85 -7.95 13.23
C ASN A 376 7.57 -9.12 12.56
N GLU A 377 7.58 -9.15 11.23
CA GLU A 377 8.21 -10.20 10.47
C GLU A 377 9.48 -9.70 9.76
N LEU A 378 10.15 -8.73 10.36
CA LEU A 378 11.38 -8.20 9.80
C LEU A 378 12.52 -9.20 9.97
N THR B 47 0.11 5.26 -29.71
CA THR B 47 1.31 5.50 -30.52
C THR B 47 0.92 5.67 -31.99
N GLU B 48 1.41 4.75 -32.83
CA GLU B 48 1.04 4.77 -34.24
C GLU B 48 -0.45 4.57 -34.48
N PRO B 49 -1.15 3.57 -33.86
CA PRO B 49 -2.60 3.46 -34.09
C PRO B 49 -3.41 4.37 -33.19
N GLY B 50 -2.76 5.35 -32.57
CA GLY B 50 -3.45 6.23 -31.63
C GLY B 50 -3.89 5.55 -30.36
N GLU B 51 -3.03 4.73 -29.77
CA GLU B 51 -3.32 4.06 -28.50
C GLU B 51 -2.11 4.25 -27.59
N ASP B 52 -2.27 5.07 -26.57
CA ASP B 52 -1.21 5.37 -25.60
C ASP B 52 -1.71 5.08 -24.19
N GLN B 53 -0.96 5.53 -23.20
CA GLN B 53 -1.46 5.49 -21.83
C GLN B 53 -2.60 6.48 -21.65
N LEU B 54 -2.50 7.67 -22.25
CA LEU B 54 -3.53 8.68 -22.10
C LEU B 54 -4.85 8.23 -22.75
N SER B 55 -4.78 7.75 -23.99
CA SER B 55 -5.98 7.36 -24.70
C SER B 55 -6.56 6.05 -24.18
N LEU B 56 -5.78 5.24 -23.46
CA LEU B 56 -6.32 4.04 -22.83
C LEU B 56 -7.13 4.36 -21.58
N LEU B 57 -6.80 5.45 -20.89
CA LEU B 57 -7.54 5.90 -19.72
C LEU B 57 -8.62 6.92 -20.06
N LEU B 58 -8.65 7.42 -21.29
CA LEU B 58 -9.63 8.40 -21.74
C LEU B 58 -10.57 7.78 -22.77
N LYS B 59 -10.85 6.49 -22.62
CA LYS B 59 -11.79 5.82 -23.51
C LYS B 59 -13.24 5.97 -23.08
N TRP B 60 -13.47 6.31 -21.82
CA TRP B 60 -14.84 6.54 -21.35
C TRP B 60 -15.44 7.80 -21.94
N ARG B 61 -14.62 8.74 -22.42
CA ARG B 61 -15.12 10.03 -22.85
C ARG B 61 -16.04 9.92 -24.06
N SER B 62 -15.77 8.96 -24.95
CA SER B 62 -16.64 8.79 -26.12
C SER B 62 -17.92 8.02 -25.79
N SER B 63 -17.98 7.36 -24.65
CA SER B 63 -19.19 6.64 -24.27
C SER B 63 -20.27 7.58 -23.74
N TYR B 64 -19.87 8.62 -23.01
CA TYR B 64 -20.81 9.53 -22.37
C TYR B 64 -20.95 10.79 -23.21
N ILE B 65 -22.18 11.18 -23.51
CA ILE B 65 -22.46 12.36 -24.32
C ILE B 65 -23.56 13.15 -23.63
N PRO B 66 -23.41 14.47 -23.46
CA PRO B 66 -24.38 15.24 -22.67
C PRO B 66 -25.74 15.28 -23.34
N PRO B 67 -26.80 14.95 -22.60
CA PRO B 67 -28.15 15.04 -23.17
C PRO B 67 -28.62 16.48 -23.27
N GLN B 68 -29.66 16.67 -24.07
CA GLN B 68 -30.22 17.99 -24.30
C GLN B 68 -30.94 18.49 -23.06
N LYS B 69 -31.25 19.78 -23.07
CA LYS B 69 -31.93 20.39 -21.95
C LYS B 69 -33.39 19.94 -21.91
N PRO B 70 -33.87 19.37 -20.81
CA PRO B 70 -35.28 18.95 -20.76
C PRO B 70 -36.21 20.15 -20.78
N THR B 71 -37.31 20.01 -21.51
CA THR B 71 -38.29 21.07 -21.70
C THR B 71 -39.71 20.52 -21.53
N ASN B 72 -39.92 19.75 -20.47
CA ASN B 72 -41.22 19.14 -20.21
C ASN B 72 -42.02 19.87 -19.13
N GLU B 73 -41.35 20.63 -18.26
CA GLU B 73 -41.93 21.23 -17.07
C GLU B 73 -42.56 20.10 -16.25
N ASP B 74 -41.83 18.98 -16.17
CA ASP B 74 -42.19 17.88 -15.30
C ASP B 74 -40.99 17.25 -14.61
N GLU B 75 -39.77 17.59 -15.00
CA GLU B 75 -38.60 16.93 -14.45
C GLU B 75 -37.51 17.87 -13.96
N TYR B 76 -37.59 19.15 -14.27
CA TYR B 76 -36.68 20.13 -13.71
C TYR B 76 -37.45 21.05 -12.77
N LYS B 77 -36.90 21.25 -11.57
CA LYS B 77 -37.51 22.08 -10.55
C LYS B 77 -36.64 23.32 -10.34
N LYS B 78 -37.21 24.50 -10.57
CA LYS B 78 -36.49 25.76 -10.41
C LYS B 78 -36.88 26.35 -9.07
N ILE B 79 -35.97 26.27 -8.11
CA ILE B 79 -36.21 26.68 -6.74
C ILE B 79 -35.26 27.83 -6.38
N ILE B 80 -34.91 28.61 -7.40
CA ILE B 80 -34.02 29.77 -7.30
C ILE B 80 -34.46 30.73 -6.20
N CYS B 81 -33.59 30.97 -5.23
CA CYS B 81 -33.79 31.98 -4.20
C CYS B 81 -32.59 32.91 -4.18
N LYS B 82 -32.64 33.91 -3.30
CA LYS B 82 -31.58 34.92 -3.24
C LYS B 82 -30.30 34.33 -2.69
N ASP B 83 -30.33 33.85 -1.45
CA ASP B 83 -29.16 33.24 -0.83
C ASP B 83 -29.61 31.97 -0.11
N ILE B 84 -28.86 30.88 -0.32
CA ILE B 84 -29.24 29.59 0.26
C ILE B 84 -29.21 29.66 1.78
N SER B 85 -28.16 30.27 2.34
CA SER B 85 -28.09 30.46 3.79
C SER B 85 -29.24 31.34 4.29
N SER B 86 -29.73 32.26 3.46
CA SER B 86 -30.91 33.04 3.78
C SER B 86 -32.19 32.42 3.25
N GLU B 87 -32.11 31.28 2.57
CA GLU B 87 -33.28 30.60 2.05
C GLU B 87 -33.69 29.49 3.01
N LYS B 88 -34.98 29.47 3.35
CA LYS B 88 -35.51 28.40 4.20
C LYS B 88 -35.65 27.14 3.36
N LEU B 89 -34.88 26.12 3.69
CA LEU B 89 -34.92 24.84 2.97
C LEU B 89 -36.11 24.03 3.46
N GLU B 90 -36.12 22.73 3.14
CA GLU B 90 -37.11 21.70 3.49
C GLU B 90 -38.54 22.21 3.49
N GLN B 91 -38.86 23.11 2.54
CA GLN B 91 -40.19 23.68 2.43
C GLN B 91 -40.88 23.32 1.12
N HIS B 92 -40.12 23.14 0.05
CA HIS B 92 -40.65 22.74 -1.24
C HIS B 92 -40.26 21.33 -1.63
N ALA B 93 -39.08 20.87 -1.23
CA ALA B 93 -38.62 19.52 -1.51
C ALA B 93 -39.04 18.59 -0.39
N GLY B 94 -38.67 17.32 -0.50
CA GLY B 94 -38.97 16.38 0.57
C GLY B 94 -38.55 14.96 0.30
N ASP B 95 -37.92 14.34 1.31
CA ASP B 95 -37.51 12.93 1.29
C ASP B 95 -36.68 12.59 0.05
N VAL B 96 -35.57 13.32 -0.11
CA VAL B 96 -34.66 13.05 -1.20
C VAL B 96 -33.65 12.02 -0.74
N SER B 97 -33.04 11.34 -1.70
CA SER B 97 -32.09 10.27 -1.41
C SER B 97 -30.73 10.49 -2.02
N ALA B 98 -30.50 11.64 -2.65
CA ALA B 98 -29.19 11.98 -3.19
C ALA B 98 -29.05 13.49 -3.16
N LEU B 99 -28.22 13.98 -2.25
CA LEU B 99 -27.94 15.41 -2.12
C LEU B 99 -26.61 15.70 -2.77
N PHE B 100 -26.59 16.65 -3.69
CA PHE B 100 -25.35 17.12 -4.30
C PHE B 100 -25.12 18.56 -3.88
N ILE B 101 -23.96 18.83 -3.30
CA ILE B 101 -23.59 20.18 -2.89
C ILE B 101 -22.39 20.58 -3.74
N ASN B 102 -22.64 21.34 -4.80
CA ASN B 102 -21.59 21.85 -5.68
C ASN B 102 -21.15 23.20 -5.15
N ILE B 103 -20.31 23.16 -4.12
CA ILE B 103 -19.88 24.35 -3.41
C ILE B 103 -18.39 24.58 -3.70
N LYS B 104 -18.05 25.80 -4.12
CA LYS B 104 -16.67 26.18 -4.32
C LYS B 104 -16.08 26.57 -2.98
N TRP B 105 -15.12 25.78 -2.49
CA TRP B 105 -14.60 25.98 -1.15
C TRP B 105 -13.68 27.18 -1.08
N LYS B 106 -13.71 27.87 0.06
CA LYS B 106 -12.85 29.01 0.33
C LYS B 106 -11.56 28.48 0.95
N LEU B 107 -10.54 28.26 0.11
CA LEU B 107 -9.27 27.74 0.59
C LEU B 107 -8.56 28.75 1.49
N SER B 108 -8.62 30.03 1.13
CA SER B 108 -7.96 31.08 1.88
C SER B 108 -8.80 32.35 1.79
N GLU B 109 -8.22 33.48 2.17
CA GLU B 109 -8.97 34.76 2.12
C GLU B 109 -9.25 35.13 0.66
N GLY B 110 -8.28 34.91 -0.23
CA GLY B 110 -8.44 35.32 -1.61
C GLY B 110 -9.32 34.42 -2.45
N GLN B 111 -9.77 33.30 -1.90
CA GLN B 111 -10.63 32.40 -2.65
C GLN B 111 -12.03 33.00 -2.79
N SER B 112 -12.53 33.03 -4.03
CA SER B 112 -13.86 33.59 -4.30
C SER B 112 -14.92 32.48 -4.28
N GLY B 113 -15.03 31.84 -3.13
CA GLY B 113 -15.99 30.77 -2.94
C GLY B 113 -16.77 30.90 -1.65
N LYS B 114 -17.37 29.81 -1.20
CA LYS B 114 -18.15 29.78 0.03
C LYS B 114 -17.38 29.02 1.09
N SER B 115 -17.18 29.64 2.25
CA SER B 115 -16.39 29.04 3.32
C SER B 115 -17.26 28.09 4.13
N ILE B 116 -16.68 27.51 5.18
CA ILE B 116 -17.40 26.53 5.99
C ILE B 116 -18.43 27.16 6.91
N GLU B 117 -18.36 28.48 7.13
CA GLU B 117 -19.41 29.14 7.90
C GLU B 117 -20.75 29.08 7.18
N ASP B 118 -20.73 29.00 5.85
CA ASP B 118 -21.96 28.80 5.10
C ASP B 118 -22.46 27.36 5.24
N LEU B 119 -21.58 26.42 5.57
CA LEU B 119 -22.02 25.07 5.90
C LEU B 119 -22.62 25.00 7.29
N LYS B 120 -22.11 25.81 8.23
CA LYS B 120 -22.70 25.81 9.57
C LYS B 120 -24.16 26.25 9.55
N LYS B 121 -24.49 27.22 8.70
CA LYS B 121 -25.85 27.75 8.64
C LYS B 121 -26.79 26.88 7.81
N LEU B 122 -26.30 25.81 7.20
CA LEU B 122 -27.17 24.93 6.41
C LEU B 122 -28.15 24.19 7.32
N ALA B 123 -29.37 23.98 6.81
CA ALA B 123 -30.42 23.32 7.56
C ALA B 123 -30.85 22.06 6.81
N ILE B 124 -30.78 20.91 7.49
CA ILE B 124 -31.24 19.64 6.95
C ILE B 124 -32.05 18.93 8.02
N SER B 125 -33.27 18.54 7.70
CA SER B 125 -34.20 18.00 8.68
C SER B 125 -34.94 16.83 8.04
N ASP B 126 -36.02 16.38 8.68
CA ASP B 126 -36.79 15.23 8.21
C ASP B 126 -37.67 15.55 7.03
N LYS B 127 -37.91 16.84 6.73
CA LYS B 127 -38.51 17.24 5.47
C LYS B 127 -37.45 17.45 4.38
N LEU B 128 -36.35 16.74 4.50
CA LEU B 128 -35.22 16.85 3.59
C LEU B 128 -34.60 15.46 3.53
N ILE B 129 -33.33 15.37 3.10
CA ILE B 129 -32.65 14.10 2.98
C ILE B 129 -32.68 13.35 4.30
N ASN B 130 -33.31 12.19 4.31
CA ASN B 130 -33.51 11.40 5.51
C ASN B 130 -32.82 10.05 5.43
N ASN B 131 -32.92 9.35 4.30
CA ASN B 131 -32.24 8.09 4.09
C ASN B 131 -31.09 8.19 3.09
N GLY B 132 -30.81 9.37 2.57
CA GLY B 132 -29.99 9.52 1.39
C GLY B 132 -28.50 9.67 1.64
N ILE B 133 -27.82 10.24 0.65
CA ILE B 133 -26.37 10.39 0.63
C ILE B 133 -26.03 11.79 0.14
N ILE B 134 -25.09 12.45 0.82
CA ILE B 134 -24.57 13.74 0.39
C ILE B 134 -23.33 13.53 -0.45
N PHE B 135 -23.25 14.24 -1.57
CA PHE B 135 -22.09 14.24 -2.45
C PHE B 135 -21.53 15.66 -2.46
N ILE B 136 -20.47 15.90 -1.69
CA ILE B 136 -19.97 17.26 -1.46
C ILE B 136 -18.49 17.32 -1.83
N TRP B 137 -18.10 18.41 -2.49
CA TRP B 137 -16.70 18.61 -2.81
C TRP B 137 -15.89 18.89 -1.54
N SER B 138 -14.78 18.18 -1.37
CA SER B 138 -13.96 18.30 -0.17
C SER B 138 -12.52 18.56 -0.58
N GLU B 139 -11.77 19.18 0.32
CA GLU B 139 -10.36 19.48 0.14
C GLU B 139 -9.56 18.78 1.24
N LYS B 140 -8.27 19.11 1.32
CA LYS B 140 -7.38 18.57 2.34
C LYS B 140 -7.22 19.49 3.54
N GLU B 141 -7.24 20.80 3.33
CA GLU B 141 -7.07 21.72 4.44
C GLU B 141 -8.29 21.74 5.36
N ILE B 142 -9.48 21.60 4.81
CA ILE B 142 -10.71 21.67 5.59
C ILE B 142 -11.43 20.33 5.66
N LEU B 143 -10.70 19.22 5.46
CA LEU B 143 -11.35 17.92 5.46
C LEU B 143 -11.85 17.55 6.85
N SER B 144 -11.03 17.76 7.88
CA SER B 144 -11.41 17.38 9.22
C SER B 144 -12.63 18.16 9.69
N GLN B 145 -12.65 19.47 9.43
CA GLN B 145 -13.81 20.29 9.79
C GLN B 145 -15.04 19.89 9.00
N ILE B 146 -14.89 19.58 7.71
CA ILE B 146 -16.03 19.18 6.89
C ILE B 146 -16.68 17.93 7.46
N VAL B 147 -15.89 16.89 7.69
CA VAL B 147 -16.49 15.64 8.17
C VAL B 147 -16.98 15.79 9.60
N ASP B 148 -16.30 16.62 10.41
CA ASP B 148 -16.72 16.79 11.79
C ASP B 148 -18.04 17.54 11.88
N VAL B 149 -18.24 18.56 11.04
CA VAL B 149 -19.50 19.28 11.05
C VAL B 149 -20.60 18.52 10.33
N LEU B 150 -20.26 17.60 9.43
CA LEU B 150 -21.29 16.77 8.83
C LEU B 150 -21.74 15.66 9.76
N GLU B 151 -20.86 15.16 10.62
CA GLU B 151 -21.26 14.17 11.61
C GLU B 151 -22.02 14.80 12.77
N ALA B 152 -22.01 16.13 12.88
CA ALA B 152 -22.89 16.83 13.80
C ALA B 152 -24.30 16.98 13.27
N LYS B 153 -24.56 16.55 12.04
CA LYS B 153 -25.89 16.57 11.45
C LYS B 153 -26.47 15.19 11.19
N GLY B 154 -25.68 14.14 11.35
CA GLY B 154 -26.14 12.77 11.16
C GLY B 154 -25.43 12.03 10.05
N PHE B 155 -24.87 12.73 9.08
CA PHE B 155 -24.18 12.10 7.96
C PHE B 155 -22.78 11.68 8.36
N ASN B 156 -22.42 10.44 8.06
CA ASN B 156 -21.07 9.94 8.31
C ASN B 156 -20.45 9.46 7.01
N TYR B 157 -19.12 9.49 6.96
CA TYR B 157 -18.38 9.19 5.75
C TYR B 157 -18.56 7.73 5.35
N ILE B 158 -18.64 7.49 4.04
CA ILE B 158 -18.73 6.13 3.52
C ILE B 158 -17.67 5.81 2.48
N GLU B 159 -17.54 6.64 1.44
CA GLU B 159 -16.64 6.31 0.35
C GLU B 159 -16.01 7.58 -0.22
N ASN B 160 -15.03 7.36 -1.09
CA ASN B 160 -14.31 8.42 -1.78
C ASN B 160 -14.49 8.24 -3.28
N PHE B 161 -14.39 9.35 -4.02
CA PHE B 161 -14.47 9.32 -5.47
C PHE B 161 -13.76 10.56 -5.98
N MET B 162 -12.50 10.42 -6.41
CA MET B 162 -11.78 11.59 -6.89
C MET B 162 -11.48 11.45 -8.37
N ILE B 163 -10.94 12.53 -8.92
CA ILE B 163 -10.69 12.67 -10.33
C ILE B 163 -9.23 13.06 -10.50
N ASN B 164 -8.47 12.23 -11.20
CA ASN B 164 -7.08 12.55 -11.48
C ASN B 164 -7.01 13.60 -12.57
N GLN B 165 -6.48 14.77 -12.21
CA GLN B 165 -6.31 15.86 -13.15
C GLN B 165 -5.18 15.53 -14.11
N LEU B 166 -5.45 15.61 -15.41
CA LEU B 166 -4.40 15.57 -16.41
C LEU B 166 -4.46 16.89 -17.18
N SER B 167 -3.35 17.61 -17.22
CA SER B 167 -3.36 18.90 -17.91
C SER B 167 -3.28 18.71 -19.41
N ALA B 168 -4.18 19.36 -20.14
CA ALA B 168 -4.08 19.37 -21.60
C ALA B 168 -2.91 20.24 -22.05
N ASP B 169 -2.65 21.33 -21.32
CA ASP B 169 -1.53 22.19 -21.66
C ASP B 169 -0.21 21.46 -21.51
N LYS B 170 -0.05 20.69 -20.42
CA LYS B 170 1.15 19.89 -20.26
C LYS B 170 1.26 18.82 -21.34
N ALA B 171 0.14 18.24 -21.75
CA ALA B 171 0.14 17.26 -22.83
C ALA B 171 0.67 17.86 -24.12
N LEU B 172 0.13 19.00 -24.52
CA LEU B 172 0.58 19.60 -25.78
C LEU B 172 2.01 20.14 -25.67
N GLU B 173 2.41 20.63 -24.48
CA GLU B 173 3.78 21.09 -24.32
C GLU B 173 4.78 19.94 -24.40
N MET B 174 4.47 18.80 -23.77
CA MET B 174 5.33 17.63 -23.87
C MET B 174 5.36 17.12 -25.30
N GLN B 175 4.22 17.13 -25.99
CA GLN B 175 4.19 16.69 -27.38
C GLN B 175 5.03 17.58 -28.28
N ARG B 176 4.94 18.90 -28.10
CA ARG B 176 5.73 19.80 -28.94
C ARG B 176 7.19 19.83 -28.54
N LYS B 177 7.52 19.42 -27.31
CA LYS B 177 8.92 19.25 -26.94
C LYS B 177 9.51 17.99 -27.57
N ASN B 178 8.74 16.89 -27.57
CA ASN B 178 9.19 15.67 -28.23
C ASN B 178 9.34 15.87 -29.72
N GLN B 179 8.43 16.63 -30.33
CA GLN B 179 8.52 16.95 -31.75
C GLN B 179 9.46 18.13 -31.95
N TRP B 202 1.36 19.86 -34.53
CA TRP B 202 0.45 19.88 -33.38
C TRP B 202 0.55 21.21 -32.63
N SER B 203 0.24 22.30 -33.32
CA SER B 203 0.39 23.64 -32.76
C SER B 203 -0.88 24.43 -33.06
N ASP B 204 -0.86 25.71 -32.65
CA ASP B 204 -1.97 26.64 -32.83
C ASP B 204 -3.27 26.12 -32.20
N ILE B 205 -3.15 25.38 -31.10
CA ILE B 205 -4.30 24.83 -30.40
C ILE B 205 -4.16 25.15 -28.93
N THR B 206 -5.11 25.91 -28.40
CA THR B 206 -5.25 26.09 -26.96
C THR B 206 -6.02 24.90 -26.39
N PRO B 207 -5.79 24.55 -25.12
CA PRO B 207 -6.44 23.35 -24.55
C PRO B 207 -7.97 23.40 -24.53
N GLU B 208 -8.60 24.53 -24.87
CA GLU B 208 -10.06 24.60 -24.89
C GLU B 208 -10.63 23.69 -25.97
N GLN B 209 -10.13 23.79 -27.21
CA GLN B 209 -10.59 22.88 -28.25
C GLN B 209 -10.11 21.46 -28.01
N CYS B 210 -9.02 21.27 -27.28
CA CYS B 210 -8.62 19.93 -26.88
C CYS B 210 -9.62 19.33 -25.90
N ILE B 211 -10.24 20.17 -25.06
CA ILE B 211 -11.31 19.71 -24.19
C ILE B 211 -12.56 19.39 -25.02
N GLU B 212 -12.90 20.30 -25.95
CA GLU B 212 -14.13 20.14 -26.71
C GLU B 212 -14.06 19.01 -27.74
N GLN B 213 -12.86 18.59 -28.13
CA GLN B 213 -12.66 17.51 -29.09
C GLN B 213 -11.97 16.34 -28.40
N GLU B 214 -11.75 15.28 -29.17
CA GLU B 214 -11.04 14.11 -28.69
C GLU B 214 -9.60 14.04 -29.19
N LYS B 215 -9.14 15.09 -29.88
CA LYS B 215 -7.80 15.11 -30.45
C LYS B 215 -6.80 15.33 -29.33
N PHE B 216 -6.46 14.24 -28.65
CA PHE B 216 -5.56 14.43 -27.54
C PHE B 216 -4.13 14.04 -27.91
N PRO B 217 -3.14 14.69 -27.30
CA PRO B 217 -1.77 14.35 -27.59
C PRO B 217 -1.43 12.94 -27.11
N PRO B 218 -0.53 12.25 -27.79
CA PRO B 218 -0.13 10.92 -27.33
C PRO B 218 0.81 11.01 -26.13
N ASN B 219 0.66 10.07 -25.21
CA ASN B 219 1.45 10.06 -23.98
C ASN B 219 1.46 8.66 -23.39
N ASN B 220 2.63 8.04 -23.31
CA ASN B 220 2.76 6.73 -22.69
C ASN B 220 3.20 6.79 -21.24
N TYR B 221 3.76 7.91 -20.79
CA TYR B 221 4.03 8.16 -19.38
C TYR B 221 3.15 9.32 -18.94
N VAL B 222 2.18 9.04 -18.08
CA VAL B 222 1.16 10.00 -17.72
C VAL B 222 1.42 10.68 -16.38
N GLN B 223 2.38 10.17 -15.59
CA GLN B 223 2.69 10.79 -14.31
C GLN B 223 3.35 12.16 -14.49
N ASP B 224 3.90 12.45 -15.66
CA ASP B 224 4.48 13.76 -15.92
C ASP B 224 3.41 14.79 -16.26
N ILE B 225 2.23 14.32 -16.71
CA ILE B 225 1.23 15.21 -17.30
C ILE B 225 0.38 15.94 -16.28
N PHE B 226 0.45 15.56 -15.00
CA PHE B 226 -0.46 16.08 -13.98
C PHE B 226 -0.29 17.59 -13.83
N VAL B 227 -1.29 18.23 -13.22
CA VAL B 227 -1.30 19.69 -13.13
C VAL B 227 -0.32 20.15 -12.07
N ASN B 228 0.26 21.33 -12.30
CA ASN B 228 1.19 21.95 -11.37
C ASN B 228 0.43 22.95 -10.51
N SER B 229 0.26 22.62 -9.23
CA SER B 229 -0.46 23.46 -8.29
C SER B 229 0.51 24.41 -7.59
N GLU B 230 0.04 25.07 -6.53
CA GLU B 230 0.88 25.98 -5.76
C GLU B 230 0.65 25.77 -4.27
N TYR B 231 0.61 24.52 -3.84
CA TYR B 231 0.48 24.20 -2.43
C TYR B 231 1.82 24.36 -1.72
N SER B 232 1.77 24.69 -0.43
CA SER B 232 2.95 24.81 0.41
C SER B 232 3.34 23.47 1.06
N PHE B 233 2.95 22.36 0.45
CA PHE B 233 3.21 21.00 0.90
C PHE B 233 3.35 20.15 -0.36
N PHE B 234 3.08 18.85 -0.24
CA PHE B 234 2.86 18.02 -1.42
C PHE B 234 1.91 18.74 -2.38
N ARG B 235 2.32 18.81 -3.65
CA ARG B 235 1.55 19.57 -4.63
C ARG B 235 0.18 18.93 -4.85
N LYS B 236 -0.79 19.76 -5.23
CA LYS B 236 -2.19 19.36 -5.29
C LYS B 236 -2.57 18.91 -6.70
N SER B 237 -3.06 17.66 -6.81
CA SER B 237 -3.72 17.20 -8.03
C SER B 237 -4.82 16.24 -7.57
N LYS B 238 -6.01 16.79 -7.33
CA LYS B 238 -7.06 16.08 -6.63
C LYS B 238 -8.35 16.85 -6.73
N LYS B 239 -9.45 16.15 -7.02
CA LYS B 239 -10.80 16.69 -7.00
C LYS B 239 -11.72 15.72 -6.29
N ILE B 240 -11.33 15.36 -5.07
CA ILE B 240 -12.06 14.36 -4.29
C ILE B 240 -13.49 14.83 -4.00
N LEU B 241 -14.44 13.95 -4.29
CA LEU B 241 -15.85 14.12 -3.92
C LEU B 241 -16.14 13.20 -2.75
N LEU B 242 -16.65 13.78 -1.66
CA LEU B 242 -16.93 13.05 -0.45
C LEU B 242 -18.38 12.58 -0.45
N MET B 243 -18.59 11.32 -0.12
CA MET B 243 -19.91 10.69 -0.01
C MET B 243 -20.21 10.47 1.46
N LEU B 244 -21.39 10.88 1.91
CA LEU B 244 -21.76 10.79 3.31
C LEU B 244 -23.17 10.24 3.46
N ARG B 245 -23.29 9.10 4.15
CA ARG B 245 -24.55 8.38 4.29
C ARG B 245 -25.31 8.80 5.54
N LYS B 246 -26.63 8.67 5.47
CA LYS B 246 -27.58 9.17 6.46
C LYS B 246 -28.48 8.02 6.93
N PHE B 247 -27.87 6.92 7.38
CA PHE B 247 -28.59 5.72 7.84
C PHE B 247 -29.83 6.08 8.64
N ASN B 248 -30.95 5.46 8.30
CA ASN B 248 -32.18 5.65 9.04
C ASN B 248 -32.80 4.30 9.37
N LYS B 249 -33.76 4.33 10.28
CA LYS B 249 -34.40 3.13 10.80
C LYS B 249 -35.66 2.83 10.01
N ASP B 250 -35.94 1.53 9.83
CA ASP B 250 -37.17 1.02 9.22
C ASP B 250 -37.37 1.53 7.79
N ALA B 251 -36.27 1.77 7.08
CA ALA B 251 -36.36 2.17 5.67
C ALA B 251 -35.04 1.78 5.00
N GLN B 252 -35.06 0.67 4.27
CA GLN B 252 -33.88 0.23 3.55
C GLN B 252 -33.63 1.14 2.35
N LEU B 253 -32.35 1.29 2.00
CA LEU B 253 -31.95 2.08 0.85
C LEU B 253 -31.68 1.13 -0.31
N GLU B 254 -32.41 1.32 -1.41
CA GLU B 254 -32.20 0.53 -2.62
C GLU B 254 -31.01 1.10 -3.38
N LEU B 255 -29.95 0.29 -3.49
CA LEU B 255 -28.74 0.69 -4.18
C LEU B 255 -28.40 -0.33 -5.25
N ARG B 256 -27.79 0.16 -6.34
CA ARG B 256 -27.23 -0.69 -7.38
C ARG B 256 -25.78 -0.27 -7.50
N HIS B 257 -24.97 -0.82 -6.59
CA HIS B 257 -23.59 -0.29 -6.52
C HIS B 257 -22.55 -1.11 -7.27
N GLN B 258 -21.29 -0.86 -6.96
CA GLN B 258 -20.12 -1.47 -7.61
C GLN B 258 -20.15 -1.32 -9.12
N ARG B 259 -20.83 -0.30 -9.65
CA ARG B 259 -20.92 -0.12 -11.09
C ARG B 259 -19.93 0.89 -11.63
N THR B 260 -19.12 1.49 -10.77
CA THR B 260 -18.19 2.53 -11.21
C THR B 260 -16.99 2.55 -10.27
N SER B 261 -15.80 2.69 -10.84
CA SER B 261 -14.59 2.81 -10.05
C SER B 261 -14.56 4.17 -9.36
N ASP B 262 -13.83 4.22 -8.24
CA ASP B 262 -13.72 5.47 -7.50
C ASP B 262 -12.79 6.47 -8.16
N ILE B 263 -12.02 6.06 -9.17
CA ILE B 263 -11.07 6.92 -9.84
C ILE B 263 -11.33 6.87 -11.34
N PHE B 264 -11.41 8.03 -11.96
CA PHE B 264 -11.34 8.13 -13.41
C PHE B 264 -10.49 9.34 -13.75
N PHE B 265 -9.59 9.17 -14.72
CA PHE B 265 -8.73 10.26 -15.16
C PHE B 265 -9.54 11.22 -16.01
N ASP B 266 -9.40 12.51 -15.76
CA ASP B 266 -10.08 13.48 -16.60
C ASP B 266 -9.13 14.62 -16.92
N ILE B 267 -9.35 15.21 -18.06
CA ILE B 267 -8.50 16.25 -18.58
C ILE B 267 -9.02 17.60 -18.12
N PHE B 268 -8.13 18.44 -17.62
CA PHE B 268 -8.46 19.73 -17.06
C PHE B 268 -7.73 20.81 -17.85
N GLU B 269 -7.86 22.05 -17.40
CA GLU B 269 -7.20 23.17 -18.04
C GLU B 269 -6.15 23.75 -17.10
N GLN B 270 -5.09 24.28 -17.68
CA GLN B 270 -4.06 24.92 -16.87
C GLN B 270 -4.60 26.23 -16.32
N ASN B 271 -4.10 26.59 -15.12
CA ASN B 271 -4.49 27.79 -14.35
C ASN B 271 -6.00 27.96 -14.23
N LYS B 272 -6.74 26.85 -14.30
CA LYS B 272 -8.18 26.83 -14.04
C LYS B 272 -8.66 25.43 -13.71
N PRO B 273 -8.21 24.83 -12.61
CA PRO B 273 -8.57 23.44 -12.30
C PRO B 273 -9.79 23.27 -11.42
N ASN B 274 -10.46 24.34 -11.03
CA ASN B 274 -11.57 24.27 -10.08
C ASN B 274 -12.91 24.10 -10.79
N ASP B 275 -12.97 23.15 -11.72
CA ASP B 275 -14.20 22.79 -12.41
C ASP B 275 -13.97 21.49 -13.16
N VAL B 276 -15.03 20.68 -13.24
CA VAL B 276 -15.00 19.46 -14.02
C VAL B 276 -15.70 19.74 -15.34
N SER B 277 -15.27 19.04 -16.39
CA SER B 277 -15.82 19.26 -17.71
C SER B 277 -17.26 18.74 -17.78
N LYS B 278 -17.90 18.96 -18.94
CA LYS B 278 -19.26 18.46 -19.13
C LYS B 278 -19.31 16.95 -19.06
N LYS B 279 -18.34 16.27 -19.68
CA LYS B 279 -18.31 14.82 -19.63
C LYS B 279 -17.97 14.29 -18.25
N GLY B 280 -17.09 14.99 -17.52
CA GLY B 280 -16.78 14.55 -16.16
C GLY B 280 -17.96 14.71 -15.22
N MET B 281 -18.67 15.84 -15.32
CA MET B 281 -19.87 16.02 -14.50
C MET B 281 -20.94 15.03 -14.91
N GLU B 282 -21.02 14.70 -16.20
CA GLU B 282 -21.89 13.63 -16.66
C GLU B 282 -21.52 12.29 -16.04
N PHE B 283 -20.22 11.99 -15.97
CA PHE B 283 -19.75 10.77 -15.34
C PHE B 283 -20.20 10.71 -13.89
N VAL B 284 -20.05 11.83 -13.16
CA VAL B 284 -20.45 11.87 -11.77
C VAL B 284 -21.96 11.69 -11.64
N TYR B 285 -22.73 12.37 -12.50
CA TYR B 285 -24.18 12.31 -12.43
C TYR B 285 -24.69 10.91 -12.72
N LYS B 286 -24.19 10.29 -13.80
CA LYS B 286 -24.57 8.91 -14.09
C LYS B 286 -24.09 7.95 -13.02
N MET B 287 -22.97 8.26 -12.37
CA MET B 287 -22.51 7.41 -11.25
C MET B 287 -23.56 7.45 -10.15
N ILE B 288 -24.01 8.65 -9.78
CA ILE B 288 -25.04 8.80 -8.75
C ILE B 288 -26.32 8.10 -9.18
N GLU B 289 -26.68 8.24 -10.46
CA GLU B 289 -27.94 7.68 -10.96
C GLU B 289 -27.93 6.15 -10.95
N THR B 290 -26.84 5.53 -11.37
CA THR B 290 -26.81 4.07 -11.33
C THR B 290 -26.60 3.58 -9.91
N LEU B 291 -26.01 4.40 -9.03
CA LEU B 291 -25.82 4.00 -7.65
C LEU B 291 -27.15 3.82 -6.94
N LEU B 292 -28.03 4.80 -7.05
CA LEU B 292 -29.36 4.73 -6.46
C LEU B 292 -30.39 4.61 -7.57
N PRO B 293 -30.94 3.42 -7.82
CA PRO B 293 -31.81 3.25 -8.99
C PRO B 293 -33.23 3.76 -8.81
N LYS B 294 -33.72 3.88 -7.58
CA LYS B 294 -35.10 4.29 -7.36
C LYS B 294 -35.26 5.80 -7.22
N ALA B 295 -34.19 6.56 -7.33
CA ALA B 295 -34.26 8.01 -7.19
C ALA B 295 -34.41 8.73 -8.53
N ASN B 296 -34.09 8.06 -9.63
CA ASN B 296 -34.32 8.60 -10.96
C ASN B 296 -35.78 8.40 -11.35
N TYR B 297 -36.09 8.58 -12.63
CA TYR B 297 -37.53 8.60 -13.03
C TYR B 297 -38.17 7.24 -13.34
N SER B 298 -38.94 6.66 -12.39
CA SER B 298 -39.74 5.49 -12.73
C SER B 298 -41.21 5.86 -12.48
N GLU B 299 -41.81 6.52 -13.47
CA GLU B 299 -43.24 6.78 -13.58
C GLU B 299 -43.86 7.45 -12.36
N GLU B 300 -43.07 7.92 -11.39
CA GLU B 300 -43.64 8.42 -10.14
C GLU B 300 -43.05 9.71 -9.62
N ASN B 301 -41.89 10.16 -10.10
CA ASN B 301 -41.27 11.39 -9.62
C ASN B 301 -41.98 12.59 -10.25
N LYS B 302 -43.22 12.81 -9.81
CA LYS B 302 -44.04 13.92 -10.30
C LYS B 302 -43.93 15.06 -9.28
N GLY B 303 -43.07 16.03 -9.58
CA GLY B 303 -42.84 17.12 -8.67
C GLY B 303 -41.93 16.76 -7.52
N ALA B 304 -42.34 15.78 -6.71
CA ALA B 304 -41.54 15.33 -5.58
C ALA B 304 -40.44 14.42 -6.08
N PHE B 305 -39.38 15.03 -6.60
CA PHE B 305 -38.22 14.29 -7.07
C PHE B 305 -37.41 13.77 -5.88
N LYS B 306 -36.67 12.68 -6.12
CA LYS B 306 -35.88 12.03 -5.09
C LYS B 306 -34.39 12.32 -5.24
N MET B 307 -34.05 13.38 -5.96
CA MET B 307 -32.67 13.81 -6.10
C MET B 307 -32.65 15.33 -6.20
N MET B 308 -31.74 15.96 -5.47
CA MET B 308 -31.65 17.41 -5.53
C MET B 308 -30.20 17.84 -5.40
N GLU B 309 -29.86 18.87 -6.17
CA GLU B 309 -28.54 19.48 -6.17
C GLU B 309 -28.66 20.91 -5.66
N LEU B 310 -27.65 21.34 -4.90
CA LEU B 310 -27.59 22.70 -4.38
C LEU B 310 -26.56 23.51 -5.17
N TYR B 311 -26.83 24.82 -5.29
CA TYR B 311 -25.95 25.88 -5.78
C TYR B 311 -26.05 26.04 -7.29
N ALA B 312 -25.66 25.02 -8.05
CA ALA B 312 -25.96 24.92 -9.49
C ALA B 312 -25.40 26.05 -10.35
N ASP B 313 -25.69 25.96 -11.65
CA ASP B 313 -25.32 26.95 -12.66
C ASP B 313 -26.15 26.62 -13.91
N ASP B 314 -26.10 27.51 -14.89
CA ASP B 314 -26.77 27.21 -16.15
C ASP B 314 -25.82 26.45 -17.08
N LYS B 315 -25.25 25.36 -16.60
CA LYS B 315 -24.28 24.59 -17.38
C LYS B 315 -24.66 23.13 -17.54
N SER B 316 -24.87 22.40 -16.44
CA SER B 316 -25.22 20.98 -16.54
C SER B 316 -26.25 20.52 -15.51
N GLN B 317 -26.80 21.41 -14.70
CA GLN B 317 -27.54 20.99 -13.50
C GLN B 317 -28.99 20.58 -13.71
N PRO B 318 -29.83 21.31 -14.51
CA PRO B 318 -31.21 20.84 -14.74
C PRO B 318 -31.26 19.45 -15.36
N ARG B 319 -31.82 18.50 -14.62
CA ARG B 319 -31.77 17.09 -14.97
C ARG B 319 -33.13 16.46 -14.76
N LYS B 320 -33.41 15.42 -15.53
CA LYS B 320 -34.65 14.68 -15.39
C LYS B 320 -34.65 13.92 -14.06
N GLY B 321 -35.42 14.42 -13.11
CA GLY B 321 -35.46 13.86 -11.78
C GLY B 321 -34.63 14.58 -10.74
N TRP B 322 -34.22 15.82 -11.00
CA TRP B 322 -33.31 16.53 -10.12
C TRP B 322 -33.84 17.92 -9.81
N ILE B 323 -33.99 18.21 -8.51
CA ILE B 323 -34.32 19.56 -8.06
C ILE B 323 -33.04 20.38 -8.06
N SER B 324 -33.09 21.55 -8.69
CA SER B 324 -31.93 22.41 -8.85
C SER B 324 -32.13 23.67 -8.01
N VAL B 325 -31.20 23.91 -7.07
CA VAL B 325 -31.19 25.11 -6.24
C VAL B 325 -30.14 26.04 -6.80
N TYR B 326 -30.53 27.28 -7.10
CA TYR B 326 -29.63 28.26 -7.67
C TYR B 326 -29.16 29.22 -6.58
N GLU B 327 -28.46 30.27 -7.00
CA GLU B 327 -27.91 31.28 -6.09
C GLU B 327 -27.99 32.62 -6.80
N GLN B 328 -29.03 33.40 -6.47
CA GLN B 328 -29.21 34.70 -7.11
C GLN B 328 -28.16 35.70 -6.62
N GLU B 329 -27.71 36.56 -7.53
CA GLU B 329 -26.72 37.57 -7.20
C GLU B 329 -27.37 38.85 -6.69
N THR C 156 2.67 -35.20 -6.45
CA THR C 156 3.35 -35.17 -7.74
C THR C 156 4.76 -34.64 -7.58
N LEU C 157 5.44 -34.41 -8.71
CA LEU C 157 6.80 -33.90 -8.70
C LEU C 157 6.89 -32.46 -9.19
N GLU C 158 5.95 -32.02 -10.02
CA GLU C 158 6.00 -30.68 -10.60
C GLU C 158 5.27 -29.64 -9.74
N ASP C 159 4.59 -30.06 -8.69
CA ASP C 159 3.82 -29.15 -7.85
C ASP C 159 4.65 -28.48 -6.77
N ILE C 160 5.90 -28.93 -6.57
CA ILE C 160 6.79 -28.36 -5.57
C ILE C 160 7.96 -27.62 -6.21
N GLU C 161 7.97 -27.51 -7.54
CA GLU C 161 9.05 -26.90 -8.29
C GLU C 161 8.81 -25.42 -8.56
N ASN C 162 7.88 -24.84 -7.81
CA ASN C 162 7.41 -23.45 -8.08
C ASN C 162 8.51 -22.40 -7.93
N GLU C 163 8.50 -21.39 -8.81
CA GLU C 163 9.43 -20.27 -8.70
C GLU C 163 9.13 -19.39 -7.50
N LYS C 164 8.00 -19.60 -6.83
CA LYS C 164 7.64 -18.87 -5.62
C LYS C 164 8.10 -19.58 -4.36
N PHE C 165 8.78 -20.71 -4.49
CA PHE C 165 9.19 -21.54 -3.37
C PHE C 165 10.69 -21.39 -3.12
N THR C 166 11.06 -21.13 -1.88
CA THR C 166 12.47 -21.05 -1.52
C THR C 166 13.08 -22.45 -1.49
N ASN C 167 14.41 -22.50 -1.63
CA ASN C 167 15.11 -23.75 -1.91
C ASN C 167 14.95 -24.76 -0.78
N LEU C 168 14.98 -24.29 0.47
CA LEU C 168 14.84 -25.21 1.60
C LEU C 168 13.45 -25.83 1.65
N GLU C 169 12.42 -25.03 1.36
CA GLU C 169 11.07 -25.56 1.34
C GLU C 169 10.89 -26.61 0.24
N ILE C 170 11.40 -26.31 -0.96
CA ILE C 170 11.40 -27.29 -2.04
C ILE C 170 12.09 -28.57 -1.58
N LEU C 171 13.26 -28.42 -0.97
CA LEU C 171 14.12 -29.57 -0.69
C LEU C 171 13.52 -30.44 0.42
N THR C 172 12.87 -29.84 1.42
CA THR C 172 12.20 -30.67 2.42
C THR C 172 10.93 -31.29 1.86
N HIS C 173 10.30 -30.64 0.86
CA HIS C 173 9.20 -31.30 0.15
C HIS C 173 9.69 -32.55 -0.55
N LEU C 174 10.84 -32.49 -1.25
CA LEU C 174 11.35 -33.70 -1.88
C LEU C 174 11.80 -34.74 -0.86
N TYR C 175 12.31 -34.31 0.29
CA TYR C 175 12.66 -35.30 1.33
C TYR C 175 11.42 -36.03 1.86
N ASN C 176 10.35 -35.28 2.17
CA ASN C 176 9.11 -35.93 2.58
C ASN C 176 8.57 -36.81 1.46
N LEU C 177 8.80 -36.41 0.21
CA LEU C 177 8.35 -37.21 -0.91
C LEU C 177 9.15 -38.51 -1.01
N LYS C 178 10.46 -38.49 -0.74
CA LYS C 178 11.20 -39.74 -0.63
C LYS C 178 10.66 -40.60 0.49
N ALA C 179 10.28 -39.99 1.60
CA ALA C 179 9.65 -40.76 2.68
C ALA C 179 8.38 -41.45 2.18
N GLU C 180 7.61 -40.76 1.34
CA GLU C 180 6.41 -41.38 0.78
C GLU C 180 6.74 -42.57 -0.12
N ILE C 181 7.74 -42.43 -0.99
CA ILE C 181 8.15 -43.59 -1.80
C ILE C 181 8.70 -44.73 -0.94
N VAL C 182 9.47 -44.41 0.09
CA VAL C 182 10.04 -45.46 0.95
C VAL C 182 8.92 -46.23 1.63
N ARG C 183 7.92 -45.52 2.16
CA ARG C 183 6.78 -46.19 2.77
C ARG C 183 5.96 -46.96 1.74
N ARG C 184 5.86 -46.46 0.51
CA ARG C 184 5.14 -47.19 -0.52
C ARG C 184 5.85 -48.50 -0.90
N LEU C 185 7.18 -48.47 -0.99
CA LEU C 185 7.94 -49.68 -1.25
C LEU C 185 7.85 -50.65 -0.07
N ALA C 186 7.81 -50.12 1.16
CA ALA C 186 7.59 -50.98 2.32
C ALA C 186 6.22 -51.65 2.26
N GLU C 187 5.20 -50.90 1.83
CA GLU C 187 3.86 -51.47 1.67
C GLU C 187 3.83 -52.52 0.58
N GLN C 188 4.51 -52.27 -0.54
CA GLN C 188 4.53 -53.23 -1.65
C GLN C 188 5.27 -54.51 -1.26
N GLY C 189 6.37 -54.38 -0.54
CA GLY C 189 7.15 -55.54 -0.13
C GLY C 189 6.56 -56.29 1.05
N LEU D 16 27.37 15.52 10.96
CA LEU D 16 26.94 14.17 11.33
C LEU D 16 26.76 13.28 10.11
N ASP D 17 27.54 12.21 10.05
CA ASP D 17 27.36 11.22 9.00
C ASP D 17 26.34 10.16 9.42
N PHE D 18 25.75 9.50 8.43
CA PHE D 18 24.73 8.49 8.70
C PHE D 18 25.29 7.09 8.80
N THR D 19 26.54 6.88 8.43
CA THR D 19 27.15 5.55 8.57
C THR D 19 27.36 5.22 10.05
N GLN D 20 28.16 6.04 10.74
CA GLN D 20 28.39 5.84 12.17
C GLN D 20 27.09 5.99 12.96
N TYR D 21 26.20 6.87 12.52
CA TYR D 21 24.88 6.99 13.12
C TYR D 21 24.12 5.67 13.04
N ALA D 22 24.13 5.04 11.86
CA ALA D 22 23.44 3.77 11.69
C ALA D 22 24.08 2.67 12.53
N LYS D 23 25.42 2.65 12.58
CA LYS D 23 26.09 1.64 13.41
C LYS D 23 25.74 1.82 14.88
N ASN D 24 25.65 3.06 15.33
CA ASN D 24 25.29 3.31 16.72
C ASN D 24 23.85 2.86 17.02
N MET D 25 22.91 3.20 16.14
CA MET D 25 21.52 2.75 16.34
C MET D 25 21.42 1.24 16.35
N ARG D 26 22.11 0.57 15.42
CA ARG D 26 22.05 -0.88 15.36
C ARG D 26 22.71 -1.53 16.57
N LYS D 27 23.83 -0.97 17.02
CA LYS D 27 24.50 -1.48 18.20
C LYS D 27 23.65 -1.27 19.45
N ASP D 28 22.83 -0.22 19.47
CA ASP D 28 22.03 0.08 20.65
C ASP D 28 20.75 -0.75 20.70
N LEU D 29 19.87 -0.59 19.71
CA LEU D 29 18.51 -1.11 19.82
C LEU D 29 18.11 -2.15 18.78
N SER D 30 18.99 -2.51 17.85
CA SER D 30 18.64 -3.53 16.88
C SER D 30 18.91 -4.93 17.44
N ASN D 31 18.34 -5.93 16.76
CA ASN D 31 18.47 -7.30 17.23
C ASN D 31 19.87 -7.83 16.98
N GLN D 32 20.19 -8.95 17.64
CA GLN D 32 21.51 -9.55 17.49
C GLN D 32 21.71 -10.14 16.10
N ASP D 33 20.65 -10.67 15.49
CA ASP D 33 20.73 -11.30 14.18
C ASP D 33 20.68 -10.30 13.04
N ILE D 34 20.51 -9.02 13.32
CA ILE D 34 20.45 -8.00 12.29
C ILE D 34 21.77 -7.23 12.19
N CYS D 35 22.36 -6.87 13.31
CA CYS D 35 23.62 -6.15 13.33
C CYS D 35 24.77 -7.10 13.68
N LEU D 36 25.98 -6.71 13.28
CA LEU D 36 27.16 -7.49 13.56
C LEU D 36 27.81 -6.96 14.84
N GLU D 37 29.01 -7.47 15.16
CA GLU D 37 29.66 -7.13 16.42
C GLU D 37 30.06 -5.66 16.47
N ASP D 38 30.54 -5.12 15.35
CA ASP D 38 30.94 -3.72 15.28
C ASP D 38 29.78 -2.81 14.89
N GLY D 39 28.58 -3.35 14.71
CA GLY D 39 27.45 -2.58 14.25
C GLY D 39 27.12 -2.74 12.79
N ALA D 40 27.95 -3.47 12.03
CA ALA D 40 27.71 -3.64 10.60
C ALA D 40 26.48 -4.51 10.37
N LEU D 41 25.94 -4.42 9.16
CA LEU D 41 24.70 -5.10 8.81
C LEU D 41 24.98 -6.58 8.53
N ASN D 42 24.21 -7.46 9.19
CA ASN D 42 24.33 -8.89 8.94
C ASN D 42 23.53 -9.22 7.69
N HIS D 43 24.21 -9.17 6.54
CA HIS D 43 23.55 -9.36 5.26
C HIS D 43 23.15 -10.81 5.01
N SER D 44 23.78 -11.76 5.70
CA SER D 44 23.43 -13.17 5.50
C SER D 44 22.05 -13.48 6.03
N TYR D 45 21.57 -12.71 7.01
CA TYR D 45 20.25 -12.93 7.59
C TYR D 45 19.13 -12.40 6.71
N PHE D 46 19.40 -11.42 5.85
CA PHE D 46 18.37 -10.72 5.09
C PHE D 46 18.14 -11.30 3.70
N LEU D 47 18.83 -12.37 3.32
CA LEU D 47 18.56 -13.05 2.06
C LEU D 47 17.93 -14.42 2.28
N THR D 48 17.61 -14.78 3.51
CA THR D 48 16.86 -15.98 3.82
C THR D 48 15.43 -15.61 4.19
N LYS D 49 14.67 -16.60 4.64
CA LYS D 49 13.31 -16.37 5.10
C LYS D 49 13.35 -15.76 6.51
N LYS D 50 12.19 -15.64 7.13
CA LYS D 50 12.08 -15.23 8.52
C LYS D 50 12.00 -16.48 9.38
N GLY D 51 12.95 -16.62 10.30
CA GLY D 51 12.99 -17.76 11.19
C GLY D 51 13.74 -18.96 10.67
N GLN D 52 14.16 -18.94 9.41
CA GLN D 52 14.95 -20.03 8.84
C GLN D 52 16.42 -19.66 8.67
N TYR D 53 16.86 -18.56 9.27
CA TYR D 53 18.26 -18.19 9.20
C TYR D 53 19.09 -19.11 10.09
N TRP D 54 20.31 -19.40 9.65
CA TRP D 54 21.25 -20.23 10.40
C TRP D 54 22.17 -19.32 11.19
N THR D 55 21.92 -19.20 12.48
CA THR D 55 22.69 -18.33 13.36
C THR D 55 24.02 -18.99 13.73
N PRO D 56 25.06 -18.18 13.99
CA PRO D 56 26.31 -18.75 14.51
C PRO D 56 26.14 -19.48 15.83
N LEU D 57 25.20 -19.05 16.67
CA LEU D 57 24.89 -19.81 17.88
C LEU D 57 24.34 -21.18 17.54
N ASN D 58 23.47 -21.26 16.52
CA ASN D 58 22.99 -22.55 16.04
C ASN D 58 24.14 -23.39 15.50
N GLN D 59 25.09 -22.74 14.82
CA GLN D 59 26.25 -23.44 14.28
C GLN D 59 27.08 -24.07 15.40
N LYS D 60 27.37 -23.29 16.45
CA LYS D 60 28.13 -23.82 17.56
C LYS D 60 27.35 -24.87 18.33
N ALA D 61 26.02 -24.72 18.41
CA ALA D 61 25.20 -25.73 19.07
C ALA D 61 25.27 -27.06 18.32
N LEU D 62 25.20 -27.02 16.99
CA LEU D 62 25.36 -28.24 16.21
C LEU D 62 26.75 -28.83 16.39
N GLN D 63 27.78 -27.97 16.40
CA GLN D 63 29.16 -28.45 16.54
C GLN D 63 29.36 -29.16 17.87
N ARG D 64 28.83 -28.60 18.96
CA ARG D 64 29.00 -29.25 20.27
C ARG D 64 28.07 -30.43 20.44
N GLY D 65 26.89 -30.42 19.81
CA GLY D 65 25.99 -31.55 19.90
C GLY D 65 26.41 -32.74 19.08
N ILE D 66 27.27 -32.54 18.07
CA ILE D 66 27.85 -33.67 17.36
C ILE D 66 28.67 -34.53 18.31
N GLU D 67 29.49 -33.89 19.15
CA GLU D 67 30.31 -34.63 20.10
C GLU D 67 29.51 -35.06 21.34
N LEU D 68 28.55 -34.24 21.77
CA LEU D 68 27.84 -34.52 23.01
C LEU D 68 27.02 -35.80 22.93
N PHE D 69 26.30 -35.99 21.82
CA PHE D 69 25.42 -37.14 21.64
C PHE D 69 25.89 -37.94 20.43
N GLY D 70 25.12 -38.97 20.08
CA GLY D 70 25.45 -39.79 18.94
C GLY D 70 25.22 -39.07 17.62
N VAL D 71 25.76 -39.67 16.56
CA VAL D 71 25.65 -39.10 15.22
C VAL D 71 24.73 -39.99 14.39
N GLY D 72 24.41 -39.51 13.19
CA GLY D 72 23.51 -40.21 12.31
C GLY D 72 22.05 -39.86 12.56
N ASN D 73 21.51 -40.34 13.67
CA ASN D 73 20.16 -39.97 14.07
C ASN D 73 20.18 -38.55 14.65
N TRP D 74 19.31 -37.69 14.12
CA TRP D 74 19.27 -36.29 14.52
C TRP D 74 18.09 -35.97 15.44
N LYS D 75 17.32 -36.97 15.85
CA LYS D 75 16.21 -36.73 16.76
C LYS D 75 16.73 -36.30 18.14
N GLU D 76 17.68 -37.05 18.70
CA GLU D 76 18.29 -36.64 19.97
C GLU D 76 19.21 -35.44 19.77
N ILE D 77 19.70 -35.21 18.55
CA ILE D 77 20.41 -33.98 18.25
C ILE D 77 19.45 -32.79 18.27
N ASN D 78 18.24 -32.98 17.74
CA ASN D 78 17.25 -31.93 17.81
C ASN D 78 16.70 -31.73 19.22
N TYR D 79 16.82 -32.75 20.07
CA TYR D 79 16.40 -32.60 21.46
C TYR D 79 17.25 -31.55 22.18
N ASP D 80 18.57 -31.65 22.03
CA ASP D 80 19.48 -30.69 22.64
C ASP D 80 19.74 -29.48 21.75
N GLU D 81 19.05 -29.38 20.62
CA GLU D 81 19.14 -28.22 19.74
C GLU D 81 18.25 -27.11 20.31
N PHE D 82 17.99 -26.08 19.52
CA PHE D 82 17.19 -24.95 19.97
C PHE D 82 15.73 -25.31 20.20
N SER D 83 15.28 -26.49 19.75
CA SER D 83 13.91 -26.98 19.93
C SER D 83 12.91 -25.99 19.32
N GLY D 84 13.00 -25.90 18.00
CA GLY D 84 12.30 -24.87 17.25
C GLY D 84 12.51 -25.07 15.77
N LYS D 85 12.89 -24.02 15.05
CA LYS D 85 13.16 -24.13 13.63
C LYS D 85 14.47 -24.89 13.40
N ALA D 86 14.47 -26.17 13.72
CA ALA D 86 15.65 -27.03 13.67
C ALA D 86 15.29 -28.35 13.01
N ASN D 87 14.67 -28.27 11.83
CA ASN D 87 14.27 -29.46 11.09
C ASN D 87 15.46 -30.33 10.74
N ILE D 88 15.22 -31.64 10.68
CA ILE D 88 16.28 -32.63 10.56
C ILE D 88 17.03 -32.48 9.24
N VAL D 89 16.31 -32.19 8.16
CA VAL D 89 16.92 -32.18 6.83
C VAL D 89 17.94 -31.05 6.72
N GLU D 90 17.64 -29.89 7.30
CA GLU D 90 18.59 -28.78 7.25
C GLU D 90 19.83 -29.07 8.11
N LEU D 91 19.64 -29.73 9.26
CA LEU D 91 20.78 -30.11 10.09
C LEU D 91 21.70 -31.06 9.34
N GLU D 92 21.13 -32.06 8.68
CA GLU D 92 21.95 -32.97 7.88
C GLU D 92 22.62 -32.24 6.72
N LEU D 93 21.90 -31.34 6.06
CA LEU D 93 22.42 -30.66 4.88
C LEU D 93 23.53 -29.68 5.24
N ARG D 94 23.51 -29.09 6.43
CA ARG D 94 24.59 -28.21 6.87
C ARG D 94 25.76 -28.97 7.49
N THR D 95 25.49 -30.10 8.16
CA THR D 95 26.58 -30.98 8.56
C THR D 95 27.31 -31.55 7.35
N CYS D 96 26.62 -31.66 6.20
CA CYS D 96 27.26 -32.10 4.96
C CYS D 96 28.45 -31.21 4.62
N MET D 97 28.28 -29.89 4.69
CA MET D 97 29.39 -28.99 4.45
C MET D 97 30.29 -28.81 5.66
N ILE D 98 29.75 -29.07 6.86
CA ILE D 98 30.56 -28.97 8.10
C ILE D 98 31.69 -30.00 7.99
N LEU D 99 31.37 -31.23 7.59
CA LEU D 99 32.38 -32.27 7.48
C LEU D 99 32.92 -32.42 6.06
N GLY D 100 32.18 -31.99 5.04
CA GLY D 100 32.72 -31.85 3.71
C GLY D 100 32.30 -32.86 2.67
N ILE D 101 31.38 -33.77 2.99
CA ILE D 101 30.90 -34.74 2.01
C ILE D 101 29.39 -34.81 2.06
N ASN D 102 28.81 -35.38 0.99
CA ASN D 102 27.37 -35.59 0.90
C ASN D 102 26.94 -36.96 1.42
N ASP D 103 27.86 -37.92 1.50
CA ASP D 103 27.53 -39.28 1.95
C ASP D 103 27.70 -39.34 3.46
N ILE D 104 26.58 -39.20 4.19
CA ILE D 104 26.57 -39.18 5.64
C ILE D 104 26.25 -40.58 6.16
N THR D 105 25.48 -41.34 5.36
CA THR D 105 25.03 -42.67 5.78
C THR D 105 26.20 -43.62 6.05
N GLU D 106 27.31 -43.46 5.35
CA GLU D 106 28.49 -44.29 5.55
C GLU D 106 29.38 -43.78 6.69
N TYR D 107 29.04 -42.64 7.30
CA TYR D 107 29.78 -42.09 8.42
C TYR D 107 29.03 -42.25 9.74
N TYR D 108 28.10 -43.19 9.81
CA TYR D 108 27.31 -43.37 11.02
C TYR D 108 28.16 -43.98 12.13
N GLY D 109 27.84 -43.60 13.37
CA GLY D 109 28.55 -44.12 14.52
C GLY D 109 29.94 -43.58 14.70
N LYS D 110 30.27 -42.45 14.07
CA LYS D 110 31.59 -41.84 14.16
C LYS D 110 31.46 -40.49 14.87
N LYS D 111 31.98 -40.41 16.08
CA LYS D 111 31.99 -39.17 16.85
C LYS D 111 33.28 -38.42 16.58
N ILE D 112 33.17 -37.23 16.03
CA ILE D 112 34.32 -36.42 15.65
C ILE D 112 34.16 -35.02 16.22
N SER D 113 35.23 -34.52 16.85
CA SER D 113 35.23 -33.18 17.42
C SER D 113 35.60 -32.15 16.36
N GLU D 114 35.66 -30.88 16.78
CA GLU D 114 35.80 -29.78 15.83
C GLU D 114 37.17 -29.77 15.15
N GLU D 115 38.23 -30.10 15.88
CA GLU D 115 39.57 -30.06 15.31
C GLU D 115 39.72 -31.08 14.19
N GLU D 116 39.37 -32.34 14.45
CA GLU D 116 39.41 -33.33 13.38
C GLU D 116 38.33 -33.10 12.34
N GLN D 117 37.25 -32.40 12.69
CA GLN D 117 36.27 -32.01 11.69
C GLN D 117 36.89 -31.07 10.65
N GLU D 118 37.62 -30.06 11.12
CA GLU D 118 38.36 -29.20 10.20
C GLU D 118 39.45 -29.99 9.47
N GLU D 119 40.06 -30.96 10.15
CA GLU D 119 41.12 -31.76 9.52
C GLU D 119 40.58 -32.53 8.32
N ILE D 120 39.51 -33.30 8.50
CA ILE D 120 39.01 -34.06 7.36
C ILE D 120 38.16 -33.21 6.42
N LYS D 121 37.73 -32.01 6.83
CA LYS D 121 37.19 -31.07 5.86
C LYS D 121 38.27 -30.61 4.89
N LYS D 122 39.45 -30.28 5.42
CA LYS D 122 40.58 -29.94 4.57
C LYS D 122 40.98 -31.12 3.71
N SER D 123 40.99 -32.32 4.28
CA SER D 123 41.32 -33.52 3.51
C SER D 123 40.32 -33.77 2.39
N ASN D 124 39.03 -33.55 2.67
CA ASN D 124 38.00 -33.76 1.65
C ASN D 124 38.13 -32.74 0.52
N ILE D 125 38.38 -31.47 0.86
CA ILE D 125 38.57 -30.47 -0.17
C ILE D 125 39.85 -30.75 -0.97
N ALA D 126 40.86 -31.32 -0.30
CA ALA D 126 42.11 -31.64 -0.99
C ALA D 126 41.92 -32.80 -1.96
N LYS D 127 41.27 -33.87 -1.52
CA LYS D 127 41.01 -34.99 -2.43
C LYS D 127 40.04 -34.58 -3.52
N GLY D 128 39.18 -33.59 -3.27
CA GLY D 128 38.34 -33.06 -4.31
C GLY D 128 39.15 -32.31 -5.37
N LYS D 129 40.15 -31.54 -4.95
CA LYS D 129 40.96 -30.88 -5.98
C LYS D 129 41.97 -31.83 -6.63
N LYS D 130 42.29 -32.97 -6.03
CA LYS D 130 43.06 -33.96 -6.78
C LYS D 130 42.21 -34.72 -7.79
N GLU D 131 40.95 -35.05 -7.44
CA GLU D 131 40.16 -35.83 -8.38
C GLU D 131 39.68 -35.00 -9.56
N ASN D 132 39.90 -33.68 -9.54
CA ASN D 132 39.71 -32.78 -10.68
C ASN D 132 38.25 -32.67 -11.12
N LYS D 133 37.30 -32.88 -10.20
CA LYS D 133 35.91 -32.58 -10.48
C LYS D 133 35.26 -31.93 -9.27
N LEU D 134 35.96 -30.98 -8.65
CA LEU D 134 35.43 -30.25 -7.52
C LEU D 134 34.36 -29.27 -7.98
N LYS D 135 33.28 -29.17 -7.22
CA LYS D 135 32.13 -28.32 -7.57
C LYS D 135 31.73 -27.52 -6.32
N ASP D 136 32.13 -26.25 -6.29
CA ASP D 136 31.79 -25.30 -5.23
C ASP D 136 32.20 -25.83 -3.85
N ASN D 137 33.51 -26.06 -3.71
CA ASN D 137 34.21 -26.54 -2.52
C ASN D 137 33.46 -27.63 -1.76
N ILE D 138 32.86 -28.57 -2.48
CA ILE D 138 32.19 -29.72 -1.90
C ILE D 138 32.64 -30.97 -2.67
N TYR D 139 33.16 -31.95 -1.94
CA TYR D 139 33.58 -33.20 -2.57
C TYR D 139 32.40 -34.15 -2.68
N GLN D 140 32.21 -34.74 -3.86
CA GLN D 140 31.09 -35.62 -4.12
C GLN D 140 31.48 -37.07 -3.92
N LYS D 141 30.46 -37.90 -3.66
CA LYS D 141 30.66 -39.34 -3.52
C LYS D 141 29.45 -40.12 -4.03
P 6MA F 13 -25.43 -13.44 -2.60
OP1 6MA F 13 -26.91 -13.13 -2.44
OP2 6MA F 13 -24.79 -14.81 -2.51
O5' 6MA F 13 -24.47 -12.19 -2.92
C5' 6MA F 13 -25.00 -10.85 -2.84
C4' 6MA F 13 -24.84 -10.12 -4.15
O4' 6MA F 13 -23.68 -9.27 -4.14
C3' 6MA F 13 -24.70 -10.98 -5.40
O3' 6MA F 13 -25.28 -10.29 -6.49
C2' 6MA F 13 -23.19 -11.01 -5.61
C1' 6MA F 13 -22.83 -9.58 -5.25
N9 6MA F 13 -21.44 -9.41 -4.83
C8 6MA F 13 -20.76 -10.20 -3.93
N7 6MA F 13 -19.52 -9.80 -3.75
C5 6MA F 13 -19.38 -8.69 -4.57
C6 6MA F 13 -18.30 -7.82 -4.82
N1 6MA F 13 -18.48 -6.80 -5.69
C2 6MA F 13 -19.69 -6.69 -6.26
N3 6MA F 13 -20.77 -7.45 -6.10
C4 6MA F 13 -20.56 -8.45 -5.24
N6 6MA F 13 -17.09 -7.97 -4.23
C1 6MA F 13 -16.36 -9.22 -4.28
N SAM G . 3.94 -1.13 4.88
CA SAM G . 4.05 -2.49 4.40
C SAM G . 4.14 -2.54 2.87
O SAM G . 4.01 -3.63 2.31
OXT SAM G . 4.37 -1.43 2.32
CB SAM G . 2.88 -3.36 4.87
CG SAM G . 2.89 -3.78 6.33
SD SAM G . 1.31 -4.56 6.75
CE SAM G . 0.16 -3.24 6.39
C5' SAM G . 1.36 -4.49 8.56
C4' SAM G . 2.61 -5.12 9.12
O4' SAM G . 2.73 -4.75 10.47
C3' SAM G . 2.55 -6.65 9.11
O3' SAM G . 3.01 -7.13 7.89
C2' SAM G . 3.44 -7.01 10.31
O2' SAM G . 4.76 -7.05 9.85
C1' SAM G . 3.26 -5.80 11.24
N9 SAM G . 2.43 -6.05 12.41
C8 SAM G . 1.20 -6.66 12.38
N7 SAM G . 0.64 -6.79 13.54
C5 SAM G . 1.56 -6.24 14.40
C6 SAM G . 1.55 -6.07 15.79
N6 SAM G . 0.56 -6.47 16.56
N1 SAM G . 2.62 -5.48 16.35
C2 SAM G . 3.62 -5.08 15.58
N3 SAM G . 3.73 -5.19 14.27
C4 SAM G . 2.67 -5.77 13.72
#